data_4M0F
#
_entry.id   4M0F
#
_cell.length_a   105.143
_cell.length_b   105.143
_cell.length_c   322.281
_cell.angle_alpha   90.00
_cell.angle_beta   90.00
_cell.angle_gamma   120.00
#
_symmetry.space_group_name_H-M   'P 31 2 1'
#
loop_
_entity.id
_entity.type
_entity.pdbx_description
1 polymer Acetylcholinesterase
2 branched 2-acetamido-2-deoxy-beta-D-glucopyranose-(1-4)-[alpha-L-fucopyranose-(1-6)]2-acetamido-2-deoxy-beta-D-glucopyranose
3 non-polymer 'territrem B'
4 non-polymer 1,2-ETHANEDIOL
5 non-polymer 2-acetamido-2-deoxy-beta-D-glucopyranose
6 non-polymer 'NITRATE ION'
7 water water
#
_entity_poly.entity_id   1
_entity_poly.type   'polypeptide(L)'
_entity_poly.pdbx_seq_one_letter_code
;GREDAELLVTVRGGRLRGIRLKTPGGPVSAFLGIPFAEPPMGPRRFLPPEPKQPWSGVVDATTFQSVCYQYVDTLYPGFE
GTEMWNPNRELSEDCLYLNVWTPYPRPTSPTPVLVWIYGGGFYSGASSLDVYDGRFLVQAERTVLVSMNYRVGAFGFLAL
PGSREAPGNVGLLDQRLALQWVQENVAAFGGDPTSVTLFGESAGAASVGMHLLSPPSRGLFHRAVLQSGAPNGPWATVGM
GEARRRATQLAHLVGCPPGGTGGNDTELVACLRTRPAQVLVNHEWHVLPQESVFRFSFVPVVDGDFLSDTPEALINAGDF
HGLQVLVGVVKDEGSYFLVYGAPGFSKDNESLISRAEFLAGVRVGVPQVSDLAAEAVVLHYTDWLHPEDPARLREALSDV
VGDHNVVCPVAQLAGRLAAQGARVYAYVFEHRASTLSWPLWMGVPHGYEIEFIFGIPLDPSRNYTAEEKIFAQRLMRYWA
NFARTGDPNEPRDPKAPQWPPYTAGAQQYVSLDLRPLEVRRGLRAQACAFWNRFLPKLLSAT
;
_entity_poly.pdbx_strand_id   A,B
#
# COMPACT_ATOMS: atom_id res chain seq x y z
N GLU A 3 23.77 44.56 46.45
CA GLU A 3 23.38 43.15 46.32
C GLU A 3 21.89 43.02 45.95
N ASP A 4 21.61 42.24 44.91
CA ASP A 4 20.25 42.15 44.36
C ASP A 4 19.46 41.00 44.99
N ALA A 5 18.40 41.33 45.71
CA ALA A 5 17.67 40.35 46.50
C ALA A 5 16.84 39.43 45.65
N GLU A 6 16.61 39.81 44.40
CA GLU A 6 15.81 39.00 43.49
C GLU A 6 16.56 37.78 42.98
N LEU A 7 17.88 37.82 43.14
CA LEU A 7 18.80 36.81 42.66
C LEU A 7 19.33 35.96 43.80
N LEU A 8 18.71 36.11 44.96
CA LEU A 8 19.02 35.24 46.08
C LEU A 8 17.78 34.41 46.31
N VAL A 9 17.94 33.09 46.33
CA VAL A 9 16.84 32.17 46.60
C VAL A 9 17.40 31.12 47.53
N THR A 10 16.54 30.58 48.38
CA THR A 10 16.92 29.50 49.27
C THR A 10 16.08 28.31 48.85
N VAL A 11 16.73 27.18 48.60
CA VAL A 11 15.99 25.97 48.28
C VAL A 11 16.32 24.99 49.37
N ARG A 12 15.61 23.87 49.38
CA ARG A 12 15.80 22.87 50.42
C ARG A 12 17.24 22.55 50.75
N GLY A 13 18.11 22.50 49.76
CA GLY A 13 19.47 22.08 50.01
C GLY A 13 20.39 23.20 50.46
N GLY A 14 19.88 24.43 50.39
CA GLY A 14 20.73 25.59 50.63
C GLY A 14 20.39 26.82 49.82
N ARG A 15 21.34 27.73 49.79
CA ARG A 15 21.16 29.05 49.22
C ARG A 15 21.79 29.17 47.83
N LEU A 16 21.10 29.88 46.94
CA LEU A 16 21.57 30.10 45.57
C LEU A 16 21.68 31.57 45.21
N ARG A 17 22.67 31.89 44.37
N ARG A 17 22.67 31.90 44.38
CA ARG A 17 22.80 33.20 43.75
CA ARG A 17 22.75 33.23 43.77
C ARG A 17 22.64 33.12 42.22
C ARG A 17 22.64 33.13 42.24
N GLY A 18 21.60 33.76 41.70
CA GLY A 18 21.41 33.81 40.28
C GLY A 18 22.03 35.00 39.56
N ILE A 19 21.45 35.34 38.43
CA ILE A 19 21.98 36.38 37.59
C ILE A 19 20.82 36.95 36.78
N ARG A 20 20.89 38.26 36.51
CA ARG A 20 19.89 38.99 35.74
C ARG A 20 20.32 38.92 34.29
N LEU A 21 19.39 38.63 33.39
CA LEU A 21 19.71 38.51 31.99
C LEU A 21 18.84 39.47 31.19
N LYS A 22 19.39 39.98 30.10
CA LYS A 22 18.68 40.90 29.24
C LYS A 22 17.95 40.18 28.12
N THR A 23 16.79 40.73 27.75
CA THR A 23 16.12 40.36 26.52
C THR A 23 15.67 41.70 25.96
N PRO A 24 15.25 41.72 24.69
CA PRO A 24 14.69 42.96 24.14
C PRO A 24 13.35 43.33 24.80
N GLY A 25 12.75 42.44 25.58
CA GLY A 25 11.49 42.76 26.24
C GLY A 25 11.65 43.20 27.68
N GLY A 26 12.90 43.23 28.17
CA GLY A 26 13.12 43.46 29.59
C GLY A 26 13.87 42.31 30.26
N PRO A 27 14.26 42.49 31.53
CA PRO A 27 15.08 41.50 32.19
C PRO A 27 14.33 40.26 32.63
N VAL A 28 15.13 39.27 33.02
CA VAL A 28 14.62 37.99 33.43
C VAL A 28 15.61 37.56 34.49
N SER A 29 15.17 36.78 35.47
CA SER A 29 16.11 36.19 36.44
C SER A 29 16.43 34.75 36.04
N ALA A 30 17.69 34.36 36.16
CA ALA A 30 18.07 33.01 35.84
C ALA A 30 18.95 32.41 36.91
N PHE A 31 18.70 31.13 37.18
CA PHE A 31 19.48 30.37 38.14
C PHE A 31 19.94 29.14 37.38
N LEU A 32 21.24 29.12 37.11
CA LEU A 32 21.83 28.21 36.17
C LEU A 32 22.83 27.38 36.90
N GLY A 33 22.78 26.07 36.69
CA GLY A 33 23.75 25.17 37.29
C GLY A 33 23.44 24.83 38.74
N ILE A 34 22.16 24.70 39.07
CA ILE A 34 21.76 24.24 40.40
C ILE A 34 21.92 22.73 40.49
N PRO A 35 22.77 22.25 41.41
CA PRO A 35 22.93 20.78 41.54
C PRO A 35 21.65 20.11 42.08
N PHE A 36 21.19 19.02 41.47
CA PHE A 36 19.99 18.36 41.98
C PHE A 36 20.25 16.91 42.40
N ALA A 37 21.46 16.43 42.14
CA ALA A 37 21.85 15.08 42.49
C ALA A 37 23.28 15.09 42.93
N GLU A 38 23.69 14.10 43.71
CA GLU A 38 25.10 13.85 43.93
C GLU A 38 25.75 13.49 42.58
N PRO A 39 26.97 13.98 42.33
CA PRO A 39 27.68 13.62 41.10
C PRO A 39 27.71 12.11 40.88
N PRO A 40 27.17 11.63 39.76
CA PRO A 40 27.10 10.19 39.49
C PRO A 40 28.45 9.68 38.97
N MET A 41 29.49 9.76 39.80
CA MET A 41 30.86 9.44 39.39
C MET A 41 31.43 8.27 40.19
N GLY A 42 32.50 7.68 39.66
CA GLY A 42 33.19 6.58 40.31
C GLY A 42 32.29 5.37 40.52
N PRO A 43 32.14 4.94 41.78
CA PRO A 43 31.23 3.82 42.10
C PRO A 43 29.79 4.14 41.69
N ARG A 44 29.47 5.42 41.54
CA ARG A 44 28.11 5.83 41.17
C ARG A 44 27.74 5.81 39.68
N ARG A 45 28.72 5.61 38.80
CA ARG A 45 28.45 5.51 37.38
C ARG A 45 27.51 4.33 37.09
N PHE A 46 26.48 4.56 36.29
CA PHE A 46 25.44 3.57 35.95
C PHE A 46 24.33 3.41 37.02
N LEU A 47 24.54 4.01 38.19
CA LEU A 47 23.58 3.87 39.27
C LEU A 47 22.52 4.96 39.21
N PRO A 48 21.33 4.67 39.79
CA PRO A 48 20.29 5.70 39.88
C PRO A 48 20.84 6.91 40.57
N PRO A 49 20.28 8.09 40.28
CA PRO A 49 20.80 9.31 40.91
C PRO A 49 20.40 9.44 42.39
N GLU A 50 21.31 9.95 43.22
CA GLU A 50 20.98 10.23 44.62
C GLU A 50 20.76 11.72 44.79
N PRO A 51 19.76 12.10 45.58
CA PRO A 51 19.45 13.54 45.82
C PRO A 51 20.69 14.27 46.29
N LYS A 52 20.84 15.52 45.86
CA LYS A 52 22.00 16.31 46.28
C LYS A 52 21.92 16.58 47.77
N GLN A 53 23.01 16.27 48.47
N GLN A 53 22.99 16.26 48.49
CA GLN A 53 23.15 16.57 49.90
CA GLN A 53 23.07 16.58 49.91
C GLN A 53 23.20 18.09 50.12
C GLN A 53 23.13 18.09 50.10
N PRO A 54 22.49 18.59 51.16
CA PRO A 54 22.49 20.03 51.49
C PRO A 54 23.90 20.62 51.58
N TRP A 55 24.03 21.89 51.21
CA TRP A 55 25.32 22.55 51.25
C TRP A 55 25.29 23.78 52.19
N SER A 56 26.45 24.14 52.71
CA SER A 56 26.58 25.39 53.47
C SER A 56 27.09 26.48 52.53
N GLY A 57 26.84 27.73 52.87
CA GLY A 57 27.22 28.81 51.97
C GLY A 57 26.30 28.95 50.77
N VAL A 58 26.77 29.69 49.77
CA VAL A 58 25.93 30.07 48.64
C VAL A 58 26.47 29.46 47.34
N VAL A 59 25.65 28.64 46.69
CA VAL A 59 25.97 28.12 45.35
C VAL A 59 25.88 29.22 44.31
N ASP A 60 26.96 29.35 43.53
CA ASP A 60 27.02 30.23 42.38
C ASP A 60 26.17 29.64 41.23
N ALA A 61 25.00 30.23 41.01
CA ALA A 61 24.09 29.77 39.98
C ALA A 61 24.00 30.79 38.87
N THR A 62 25.15 31.29 38.41
CA THR A 62 25.15 32.38 37.42
C THR A 62 25.59 31.90 36.04
N THR A 63 26.11 30.68 35.98
CA THR A 63 26.58 30.14 34.70
C THR A 63 26.13 28.64 34.46
N PHE A 64 25.94 28.23 33.20
CA PHE A 64 25.66 26.83 32.92
C PHE A 64 26.78 25.96 33.44
N GLN A 65 26.41 24.77 33.89
CA GLN A 65 27.38 23.79 34.34
C GLN A 65 27.81 22.84 33.20
N SER A 66 28.67 21.90 33.52
CA SER A 66 29.18 20.96 32.55
C SER A 66 28.12 20.18 31.78
N VAL A 67 28.49 19.75 30.58
CA VAL A 67 27.66 18.87 29.76
C VAL A 67 27.98 17.42 30.07
N CYS A 68 26.94 16.59 30.19
CA CYS A 68 27.15 15.15 30.41
C CYS A 68 27.97 14.59 29.26
N TYR A 69 28.95 13.75 29.60
CA TYR A 69 29.73 13.03 28.59
C TYR A 69 28.95 12.45 27.42
N GLN A 70 29.39 12.79 26.21
CA GLN A 70 28.68 12.38 25.03
C GLN A 70 29.57 12.53 23.81
N TYR A 71 29.19 11.78 22.77
CA TYR A 71 29.86 11.81 21.48
C TYR A 71 29.64 13.18 20.87
N VAL A 72 30.69 13.74 20.24
CA VAL A 72 30.62 15.05 19.58
C VAL A 72 30.68 14.90 18.06
N ASP A 73 29.72 15.51 17.37
CA ASP A 73 29.61 15.35 15.92
C ASP A 73 30.73 16.04 15.18
N THR A 74 31.35 15.33 14.23
CA THR A 74 32.41 15.92 13.40
C THR A 74 32.20 15.62 11.90
N LEU A 75 30.96 15.38 11.50
CA LEU A 75 30.67 15.13 10.08
C LEU A 75 30.97 16.37 9.25
N TYR A 76 30.57 17.55 9.73
CA TYR A 76 30.92 18.79 9.05
C TYR A 76 31.49 19.78 10.05
N PRO A 77 32.77 19.62 10.40
CA PRO A 77 33.44 20.52 11.35
C PRO A 77 33.21 21.98 11.05
N GLY A 78 32.85 22.77 12.07
CA GLY A 78 32.74 24.21 11.95
C GLY A 78 31.41 24.71 11.39
N PHE A 79 30.65 23.79 10.81
CA PHE A 79 29.39 24.11 10.13
C PHE A 79 28.33 24.48 11.18
N GLU A 80 27.61 25.58 11.00
CA GLU A 80 26.62 26.00 12.01
C GLU A 80 25.54 24.94 12.29
N GLY A 81 25.11 24.27 11.23
CA GLY A 81 24.04 23.30 11.35
C GLY A 81 24.35 22.12 12.25
N THR A 82 25.63 21.76 12.37
CA THR A 82 26.02 20.73 13.32
C THR A 82 26.49 21.30 14.66
N GLU A 83 27.16 22.46 14.63
CA GLU A 83 27.79 22.98 15.85
C GLU A 83 26.75 23.46 16.87
N MET A 84 25.62 23.98 16.39
CA MET A 84 24.56 24.43 17.26
C MET A 84 24.00 23.32 18.19
N TRP A 85 24.31 22.04 17.92
CA TRP A 85 23.78 20.93 18.73
C TRP A 85 24.87 20.36 19.61
N ASN A 86 26.11 20.71 19.31
CA ASN A 86 27.25 20.15 20.01
C ASN A 86 27.41 20.77 21.40
N PRO A 87 28.09 20.06 22.30
CA PRO A 87 28.31 20.64 23.64
C PRO A 87 28.98 22.02 23.60
N ASN A 88 28.43 22.96 24.35
CA ASN A 88 29.01 24.28 24.47
C ASN A 88 29.58 24.53 25.87
N ARG A 89 29.78 23.47 26.63
CA ARG A 89 30.56 23.57 27.89
C ARG A 89 31.36 22.31 27.96
N GLU A 90 32.31 22.30 28.87
CA GLU A 90 33.16 21.13 29.05
C GLU A 90 32.32 19.91 29.41
N LEU A 91 32.82 18.75 28.98
CA LEU A 91 32.18 17.49 29.26
C LEU A 91 32.58 17.05 30.66
N SER A 92 31.62 16.51 31.41
CA SER A 92 31.95 15.91 32.70
C SER A 92 30.87 14.93 33.09
N GLU A 93 31.22 13.91 33.87
CA GLU A 93 30.20 13.04 34.49
C GLU A 93 29.48 13.78 35.63
N ASP A 94 30.14 14.78 36.18
CA ASP A 94 29.52 15.65 37.17
C ASP A 94 28.72 16.63 36.34
N CYS A 95 27.48 16.27 36.00
CA CYS A 95 26.70 17.09 35.06
C CYS A 95 25.25 17.23 35.47
N LEU A 96 24.90 16.72 36.63
CA LEU A 96 23.48 16.70 36.98
C LEU A 96 23.06 18.03 37.64
N TYR A 97 22.78 19.01 36.79
CA TYR A 97 22.41 20.35 37.21
C TYR A 97 21.18 20.72 36.46
N LEU A 98 20.41 21.66 36.99
CA LEU A 98 19.24 22.13 36.28
C LEU A 98 19.26 23.67 36.33
N ASN A 99 18.40 24.27 35.52
CA ASN A 99 18.38 25.71 35.34
C ASN A 99 16.96 26.21 35.55
N VAL A 100 16.80 27.36 36.20
CA VAL A 100 15.48 27.96 36.35
C VAL A 100 15.51 29.40 35.83
N TRP A 101 14.62 29.72 34.90
CA TRP A 101 14.43 31.10 34.45
C TRP A 101 13.10 31.55 34.99
N THR A 102 13.07 32.77 35.49
CA THR A 102 11.85 33.34 36.06
C THR A 102 11.72 34.82 35.68
N PRO A 103 10.49 35.35 35.60
CA PRO A 103 10.34 36.78 35.33
C PRO A 103 11.05 37.65 36.37
N TYR A 104 11.41 38.87 36.00
CA TYR A 104 12.05 39.81 36.93
C TYR A 104 11.16 41.03 37.10
N PRO A 105 10.84 41.37 38.35
CA PRO A 105 11.35 40.66 39.54
C PRO A 105 10.62 39.33 39.72
N ARG A 106 11.21 38.38 40.46
CA ARG A 106 10.59 37.07 40.70
C ARG A 106 9.10 37.20 40.96
N PRO A 107 8.30 36.35 40.32
CA PRO A 107 6.84 36.37 40.53
C PRO A 107 6.55 36.22 42.00
N THR A 108 5.53 36.90 42.50
CA THR A 108 5.25 36.81 43.93
C THR A 108 4.05 35.91 44.17
N SER A 109 3.47 35.40 43.09
CA SER A 109 2.35 34.46 43.14
C SER A 109 2.58 33.26 42.18
N PRO A 110 1.91 32.11 42.43
CA PRO A 110 2.06 30.88 41.63
C PRO A 110 1.97 31.03 40.10
N THR A 111 3.13 30.91 39.44
CA THR A 111 3.24 30.99 37.98
C THR A 111 3.37 29.57 37.40
N PRO A 112 2.69 29.28 36.27
CA PRO A 112 2.79 27.96 35.61
C PRO A 112 4.23 27.62 35.18
N VAL A 113 4.61 26.34 35.33
CA VAL A 113 5.97 25.90 35.05
C VAL A 113 6.07 25.06 33.78
N LEU A 114 6.96 25.47 32.88
CA LEU A 114 7.34 24.70 31.71
C LEU A 114 8.64 24.00 32.03
N VAL A 115 8.70 22.69 31.76
CA VAL A 115 9.93 21.94 32.01
C VAL A 115 10.43 21.33 30.71
N TRP A 116 11.62 21.73 30.30
CA TRP A 116 12.17 21.34 29.00
C TRP A 116 13.03 20.11 29.15
N ILE A 117 12.77 19.08 28.35
CA ILE A 117 13.69 17.95 28.25
C ILE A 117 14.31 17.91 26.86
N TYR A 118 15.63 18.08 26.74
CA TYR A 118 16.28 18.11 25.43
C TYR A 118 16.29 16.72 24.80
N GLY A 119 16.33 16.67 23.47
CA GLY A 119 16.53 15.43 22.72
C GLY A 119 17.96 15.26 22.24
N GLY A 120 18.18 14.33 21.32
CA GLY A 120 19.52 14.01 20.89
C GLY A 120 19.75 12.51 20.94
N GLY A 121 18.71 11.73 20.67
CA GLY A 121 18.82 10.28 20.54
C GLY A 121 19.20 9.54 21.81
N PHE A 122 18.98 10.17 22.96
CA PHE A 122 19.43 9.62 24.25
C PHE A 122 20.96 9.47 24.34
N TYR A 123 21.71 9.99 23.37
CA TYR A 123 23.19 9.84 23.43
C TYR A 123 23.88 11.21 23.53
N SER A 124 23.11 12.27 23.37
CA SER A 124 23.67 13.61 23.33
C SER A 124 22.63 14.63 23.79
N GLY A 125 23.03 15.89 23.79
CA GLY A 125 22.18 16.99 24.21
C GLY A 125 22.72 17.67 25.47
N ALA A 126 22.22 18.86 25.74
CA ALA A 126 22.60 19.66 26.90
C ALA A 126 21.53 20.72 27.09
N SER A 127 21.32 21.11 28.35
CA SER A 127 20.35 22.14 28.65
C SER A 127 20.95 23.53 28.38
N SER A 128 22.27 23.60 28.22
CA SER A 128 22.97 24.89 28.03
C SER A 128 23.02 25.39 26.60
N LEU A 129 22.51 24.61 25.65
CA LEU A 129 22.59 24.96 24.24
C LEU A 129 21.87 26.29 24.01
N ASP A 130 22.42 27.12 23.13
CA ASP A 130 21.83 28.43 22.85
C ASP A 130 20.37 28.32 22.43
N VAL A 131 20.08 27.29 21.66
CA VAL A 131 18.77 27.14 21.08
C VAL A 131 17.69 26.83 22.17
N TYR A 132 18.13 26.41 23.36
CA TYR A 132 17.22 26.13 24.48
C TYR A 132 17.19 27.26 25.56
N ASP A 133 17.71 28.43 25.23
CA ASP A 133 17.74 29.59 26.12
C ASP A 133 16.32 29.99 26.56
N GLY A 134 16.04 29.90 27.86
CA GLY A 134 14.68 30.19 28.30
C GLY A 134 14.24 31.66 28.44
N ARG A 135 15.15 32.60 28.24
CA ARG A 135 14.89 34.00 28.61
C ARG A 135 13.70 34.60 27.85
N PHE A 136 13.57 34.28 26.56
CA PHE A 136 12.52 34.90 25.75
C PHE A 136 11.12 34.41 26.09
N LEU A 137 10.99 33.11 26.41
CA LEU A 137 9.69 32.53 26.74
C LEU A 137 9.25 33.10 28.07
N VAL A 138 10.18 33.14 29.01
CA VAL A 138 9.85 33.62 30.33
C VAL A 138 9.44 35.09 30.30
N GLN A 139 10.17 35.91 29.54
CA GLN A 139 9.84 37.33 29.46
C GLN A 139 8.48 37.50 28.78
N ALA A 140 8.29 36.84 27.65
CA ALA A 140 7.13 37.12 26.82
C ALA A 140 5.84 36.55 27.39
N GLU A 141 5.94 35.40 28.05
CA GLU A 141 4.73 34.66 28.38
C GLU A 141 4.58 34.46 29.88
N ARG A 142 5.60 34.89 30.60
CA ARG A 142 5.56 34.98 32.06
C ARG A 142 5.29 33.65 32.74
N THR A 143 6.03 32.64 32.30
CA THR A 143 6.04 31.34 32.94
C THR A 143 7.35 31.20 33.74
N VAL A 144 7.44 30.16 34.55
CA VAL A 144 8.73 29.75 35.05
C VAL A 144 9.20 28.63 34.11
N LEU A 145 10.49 28.60 33.79
CA LEU A 145 11.01 27.59 32.88
C LEU A 145 12.17 26.87 33.50
N VAL A 146 12.13 25.54 33.44
CA VAL A 146 13.16 24.72 34.05
C VAL A 146 13.69 23.77 32.97
N SER A 147 14.99 23.52 32.96
CA SER A 147 15.51 22.49 32.09
C SER A 147 16.60 21.82 32.89
N MET A 148 16.81 20.54 32.65
CA MET A 148 17.82 19.83 33.39
C MET A 148 18.73 19.10 32.44
N ASN A 149 19.94 18.83 32.90
CA ASN A 149 20.81 17.88 32.25
C ASN A 149 20.45 16.49 32.78
N TYR A 150 20.42 15.50 31.90
CA TYR A 150 20.31 14.12 32.34
C TYR A 150 21.38 13.32 31.64
N ARG A 151 21.85 12.28 32.29
CA ARG A 151 22.85 11.38 31.68
C ARG A 151 22.42 10.74 30.33
N VAL A 152 23.34 10.72 29.38
CA VAL A 152 23.05 10.17 28.06
C VAL A 152 24.04 9.07 27.70
N GLY A 153 23.76 8.36 26.61
CA GLY A 153 24.63 7.31 26.15
C GLY A 153 24.72 6.20 27.17
N ALA A 154 25.86 5.54 27.24
CA ALA A 154 26.02 4.43 28.17
C ALA A 154 25.83 4.90 29.61
N PHE A 155 26.28 6.12 29.91
CA PHE A 155 26.20 6.69 31.25
C PHE A 155 24.76 6.72 31.75
N GLY A 156 23.82 7.02 30.87
CA GLY A 156 22.44 7.11 31.25
C GLY A 156 21.61 5.89 30.93
N PHE A 157 22.07 5.01 30.04
CA PHE A 157 21.19 3.98 29.50
C PHE A 157 21.77 2.59 29.33
N LEU A 158 23.05 2.41 29.63
CA LEU A 158 23.60 1.06 29.62
C LEU A 158 22.82 0.23 30.63
N ALA A 159 22.39 -0.95 30.20
CA ALA A 159 21.57 -1.81 31.06
C ALA A 159 22.03 -3.26 31.01
N LEU A 160 22.30 -3.82 32.18
CA LEU A 160 22.41 -5.26 32.31
C LEU A 160 21.20 -5.65 33.16
N PRO A 161 20.07 -5.92 32.50
CA PRO A 161 18.78 -6.08 33.20
C PRO A 161 18.81 -7.17 34.28
N GLY A 162 18.27 -6.82 35.45
CA GLY A 162 18.33 -7.68 36.61
C GLY A 162 19.44 -7.31 37.58
N SER A 163 20.49 -6.64 37.09
CA SER A 163 21.63 -6.38 37.94
C SER A 163 21.38 -5.12 38.75
N ARG A 164 21.98 -5.03 39.92
CA ARG A 164 21.86 -3.82 40.71
C ARG A 164 22.92 -2.81 40.29
N GLU A 165 23.96 -3.28 39.62
CA GLU A 165 25.09 -2.42 39.29
C GLU A 165 24.88 -1.63 37.99
N ALA A 166 24.01 -2.10 37.11
CA ALA A 166 23.65 -1.31 35.93
C ALA A 166 22.23 -1.62 35.50
N PRO A 167 21.25 -1.12 36.26
CA PRO A 167 19.84 -1.46 36.06
C PRO A 167 19.22 -0.85 34.82
N GLY A 168 19.82 0.21 34.27
CA GLY A 168 19.26 0.84 33.08
C GLY A 168 18.29 1.95 33.43
N ASN A 169 17.97 2.79 32.45
CA ASN A 169 17.03 3.88 32.57
C ASN A 169 17.46 4.96 33.59
N VAL A 170 18.72 4.98 33.99
CA VAL A 170 19.11 5.97 35.00
C VAL A 170 19.01 7.42 34.50
N GLY A 171 19.24 7.65 33.22
CA GLY A 171 19.03 8.99 32.66
C GLY A 171 17.59 9.42 32.79
N LEU A 172 16.67 8.46 32.71
CA LEU A 172 15.25 8.76 32.93
C LEU A 172 14.98 9.07 34.40
N LEU A 173 15.71 8.40 35.30
CA LEU A 173 15.56 8.65 36.72
C LEU A 173 16.17 10.03 37.06
N ASP A 174 17.20 10.44 36.31
CA ASP A 174 17.76 11.77 36.45
C ASP A 174 16.66 12.78 36.17
N GLN A 175 15.90 12.54 35.11
CA GLN A 175 14.80 13.44 34.77
C GLN A 175 13.70 13.45 35.86
N ARG A 176 13.33 12.28 36.35
CA ARG A 176 12.32 12.17 37.40
C ARG A 176 12.79 12.91 38.63
N LEU A 177 14.03 12.67 39.01
CA LEU A 177 14.61 13.33 40.19
C LEU A 177 14.55 14.85 40.05
N ALA A 178 14.81 15.37 38.84
CA ALA A 178 14.72 16.81 38.60
C ALA A 178 13.27 17.27 38.70
N LEU A 179 12.36 16.46 38.17
CA LEU A 179 10.93 16.73 38.33
C LEU A 179 10.48 16.71 39.82
N GLN A 180 11.10 15.86 40.64
CA GLN A 180 10.85 15.84 42.07
C GLN A 180 11.40 17.12 42.69
N TRP A 181 12.59 17.52 42.25
CA TRP A 181 13.20 18.75 42.70
C TRP A 181 12.28 19.94 42.42
N VAL A 182 11.65 19.95 41.24
CA VAL A 182 10.73 21.03 40.88
C VAL A 182 9.52 21.06 41.83
N GLN A 183 8.91 19.89 42.08
CA GLN A 183 7.85 19.79 43.07
C GLN A 183 8.24 20.41 44.42
N GLU A 184 9.44 20.11 44.89
CA GLU A 184 9.87 20.60 46.19
C GLU A 184 10.35 22.04 46.26
N ASN A 185 10.80 22.61 45.15
CA ASN A 185 11.57 23.84 45.22
C ASN A 185 11.13 24.98 44.29
N VAL A 186 10.28 24.68 43.31
CA VAL A 186 9.96 25.71 42.31
C VAL A 186 9.17 26.87 42.90
N ALA A 187 8.41 26.60 43.96
CA ALA A 187 7.61 27.63 44.64
C ALA A 187 8.51 28.78 45.09
N ALA A 188 9.72 28.44 45.52
CA ALA A 188 10.71 29.41 45.95
C ALA A 188 11.16 30.35 44.85
N PHE A 189 10.71 30.11 43.61
CA PHE A 189 11.06 30.95 42.48
C PHE A 189 9.81 31.63 41.93
N GLY A 190 8.66 31.32 42.52
CA GLY A 190 7.41 31.87 42.00
C GLY A 190 6.59 30.84 41.23
N GLY A 191 7.14 29.64 41.09
CA GLY A 191 6.46 28.64 40.31
C GLY A 191 5.39 27.97 41.10
N ASP A 192 4.44 27.39 40.37
CA ASP A 192 3.33 26.66 40.93
C ASP A 192 3.51 25.18 40.62
N PRO A 193 3.94 24.38 41.61
CA PRO A 193 4.14 22.93 41.48
C PRO A 193 2.90 22.17 41.07
N THR A 194 1.73 22.82 41.12
CA THR A 194 0.48 22.21 40.69
C THR A 194 0.15 22.50 39.22
N SER A 195 0.96 23.29 38.53
CA SER A 195 0.80 23.44 37.07
C SER A 195 2.14 23.29 36.33
N VAL A 196 2.60 22.07 36.21
CA VAL A 196 3.86 21.78 35.54
C VAL A 196 3.56 21.12 34.20
N THR A 197 3.96 21.78 33.12
CA THR A 197 3.85 21.21 31.77
C THR A 197 5.21 20.71 31.30
N LEU A 198 5.30 19.43 30.93
CA LEU A 198 6.54 18.89 30.38
C LEU A 198 6.56 19.14 28.88
N PHE A 199 7.71 19.54 28.34
CA PHE A 199 7.87 19.59 26.89
C PHE A 199 9.26 19.16 26.47
N GLY A 200 9.35 18.48 25.34
CA GLY A 200 10.61 17.93 24.89
C GLY A 200 10.54 17.70 23.40
N GLU A 201 11.71 17.59 22.76
CA GLU A 201 11.75 17.32 21.33
C GLU A 201 12.57 16.06 21.10
N SER A 202 12.19 15.28 20.08
CA SER A 202 12.92 14.06 19.75
C SER A 202 13.01 13.12 20.98
N ALA A 203 14.21 12.69 21.37
CA ALA A 203 14.37 11.83 22.55
C ALA A 203 13.80 12.47 23.81
N GLY A 204 13.80 13.81 23.85
CA GLY A 204 13.11 14.57 24.87
C GLY A 204 11.60 14.36 24.89
N ALA A 205 10.97 14.45 23.72
CA ALA A 205 9.58 14.04 23.57
C ALA A 205 9.35 12.55 23.92
N ALA A 206 10.28 11.67 23.58
CA ALA A 206 10.09 10.26 23.90
C ALA A 206 10.10 10.12 25.42
N SER A 207 10.99 10.86 26.05
CA SER A 207 11.10 10.93 27.49
C SER A 207 9.80 11.45 28.14
N VAL A 208 9.25 12.55 27.62
CA VAL A 208 8.00 13.08 28.13
C VAL A 208 6.93 11.96 28.12
N GLY A 209 6.81 11.27 26.99
CA GLY A 209 5.85 10.19 26.86
C GLY A 209 6.10 9.07 27.86
N MET A 210 7.37 8.76 28.11
CA MET A 210 7.70 7.76 29.10
C MET A 210 7.32 8.14 30.51
N HIS A 211 7.50 9.41 30.88
CA HIS A 211 7.00 9.87 32.15
C HIS A 211 5.46 9.77 32.25
N LEU A 212 4.75 10.00 31.14
CA LEU A 212 3.31 9.84 31.09
C LEU A 212 2.91 8.41 31.46
N LEU A 213 3.72 7.45 31.04
CA LEU A 213 3.37 6.03 31.15
C LEU A 213 3.97 5.36 32.37
N SER A 214 4.69 6.11 33.18
CA SER A 214 5.31 5.55 34.37
C SER A 214 4.70 6.23 35.59
N PRO A 215 3.92 5.49 36.41
CA PRO A 215 3.17 6.11 37.53
C PRO A 215 4.01 6.90 38.55
N PRO A 216 5.23 6.46 38.91
CA PRO A 216 5.96 7.37 39.83
C PRO A 216 6.33 8.73 39.21
N SER A 217 6.31 8.88 37.89
CA SER A 217 6.54 10.17 37.26
C SER A 217 5.25 10.93 37.04
N ARG A 218 4.16 10.22 36.82
CA ARG A 218 2.92 10.83 36.38
C ARG A 218 2.38 11.80 37.45
N GLY A 219 2.70 11.51 38.70
CA GLY A 219 2.30 12.42 39.76
C GLY A 219 3.06 13.73 39.83
N LEU A 220 4.09 13.89 39.00
CA LEU A 220 4.98 15.06 39.09
C LEU A 220 4.73 16.16 38.04
N PHE A 221 3.73 15.99 37.18
CA PHE A 221 3.41 17.02 36.20
C PHE A 221 1.95 16.89 35.80
N HIS A 222 1.46 17.86 35.03
CA HIS A 222 0.04 17.96 34.76
C HIS A 222 -0.30 17.96 33.27
N ARG A 223 0.57 18.51 32.44
CA ARG A 223 0.37 18.48 30.98
C ARG A 223 1.65 18.11 30.23
N ALA A 224 1.52 17.75 28.97
CA ALA A 224 2.65 17.23 28.22
C ALA A 224 2.67 17.75 26.79
N VAL A 225 3.87 18.11 26.32
CA VAL A 225 4.07 18.50 24.92
C VAL A 225 5.12 17.58 24.32
N LEU A 226 4.77 16.92 23.22
CA LEU A 226 5.68 16.01 22.56
C LEU A 226 5.95 16.46 21.11
N GLN A 227 7.16 16.98 20.89
CA GLN A 227 7.57 17.57 19.63
C GLN A 227 8.44 16.57 18.87
N SER A 228 7.96 16.04 17.72
CA SER A 228 8.72 15.13 16.87
C SER A 228 9.34 13.96 17.62
N GLY A 229 8.58 13.31 18.47
CA GLY A 229 9.11 12.20 19.26
C GLY A 229 7.98 11.52 20.03
N ALA A 230 8.14 10.24 20.32
CA ALA A 230 7.08 9.48 20.99
C ALA A 230 7.73 8.28 21.67
N PRO A 231 7.20 7.87 22.83
CA PRO A 231 7.86 6.78 23.56
C PRO A 231 7.77 5.44 22.81
N ASN A 232 6.80 5.34 21.90
CA ASN A 232 6.58 4.14 21.09
C ASN A 232 7.35 4.18 19.78
N GLY A 233 8.19 5.19 19.58
CA GLY A 233 9.06 5.18 18.40
C GLY A 233 9.96 3.94 18.38
N PRO A 234 10.19 3.33 17.19
CA PRO A 234 11.01 2.11 17.09
C PRO A 234 12.45 2.27 17.55
N TRP A 235 12.94 3.51 17.69
CA TRP A 235 14.28 3.77 18.19
C TRP A 235 14.34 4.07 19.69
N ALA A 236 13.18 4.30 20.32
CA ALA A 236 13.15 4.95 21.64
C ALA A 236 13.34 3.98 22.81
N THR A 237 13.16 2.68 22.53
CA THR A 237 13.32 1.64 23.55
C THR A 237 14.00 0.40 22.96
N VAL A 238 14.58 -0.43 23.83
CA VAL A 238 15.05 -1.75 23.45
C VAL A 238 14.58 -2.73 24.50
N GLY A 239 14.44 -4.00 24.09
CA GLY A 239 14.13 -5.07 25.03
C GLY A 239 15.35 -5.43 25.88
N MET A 240 15.10 -6.23 26.92
CA MET A 240 16.15 -6.61 27.86
C MET A 240 17.30 -7.36 27.17
N GLY A 241 16.94 -8.32 26.31
CA GLY A 241 17.93 -9.11 25.61
C GLY A 241 18.89 -8.28 24.76
N GLU A 242 18.36 -7.35 23.97
CA GLU A 242 19.19 -6.53 23.12
C GLU A 242 19.97 -5.50 23.97
N ALA A 243 19.42 -5.05 25.09
CA ALA A 243 20.17 -4.15 25.96
C ALA A 243 21.39 -4.88 26.52
N ARG A 244 21.17 -6.11 26.99
CA ARG A 244 22.26 -6.90 27.56
C ARG A 244 23.31 -7.14 26.49
N ARG A 245 22.87 -7.38 25.27
CA ARG A 245 23.84 -7.68 24.24
C ARG A 245 24.72 -6.48 23.93
N ARG A 246 24.12 -5.31 23.86
CA ARG A 246 24.84 -4.07 23.59
C ARG A 246 25.77 -3.69 24.73
N ALA A 247 25.33 -3.89 25.97
CA ALA A 247 26.17 -3.58 27.11
C ALA A 247 27.40 -4.47 27.04
N THR A 248 27.17 -5.72 26.67
CA THR A 248 28.22 -6.71 26.64
C THR A 248 29.21 -6.45 25.51
N GLN A 249 28.70 -6.03 24.35
N GLN A 249 28.70 -6.01 24.36
CA GLN A 249 29.62 -5.65 23.27
CA GLN A 249 29.57 -5.64 23.25
C GLN A 249 30.45 -4.44 23.66
C GLN A 249 30.39 -4.38 23.55
N LEU A 250 29.85 -3.48 24.36
CA LEU A 250 30.60 -2.29 24.75
C LEU A 250 31.73 -2.71 25.68
N ALA A 251 31.44 -3.56 26.66
CA ALA A 251 32.48 -4.06 27.55
C ALA A 251 33.62 -4.69 26.77
N HIS A 252 33.30 -5.55 25.81
N HIS A 252 33.31 -5.53 25.80
CA HIS A 252 34.31 -6.19 24.97
CA HIS A 252 34.36 -6.19 25.04
C HIS A 252 35.18 -5.15 24.26
C HIS A 252 35.18 -5.22 24.17
N LEU A 253 34.54 -4.19 23.61
CA LEU A 253 35.24 -3.19 22.81
C LEU A 253 36.22 -2.33 23.61
N VAL A 254 36.00 -2.22 24.92
CA VAL A 254 36.90 -1.42 25.74
C VAL A 254 37.74 -2.31 26.66
N GLY A 255 37.72 -3.61 26.37
CA GLY A 255 38.64 -4.52 27.02
C GLY A 255 38.27 -5.05 28.39
N CYS A 256 36.98 -5.06 28.71
CA CYS A 256 36.48 -5.67 29.94
C CYS A 256 35.86 -7.02 29.65
N PRO A 257 35.91 -7.94 30.63
CA PRO A 257 35.31 -9.28 30.54
C PRO A 257 33.79 -9.27 30.28
N ASN A 264 30.15 -12.43 34.34
CA ASN A 264 29.49 -11.99 35.56
C ASN A 264 29.20 -10.48 35.51
N ASP A 265 27.94 -10.09 35.69
CA ASP A 265 27.54 -8.68 35.57
C ASP A 265 28.35 -7.76 36.50
N THR A 266 28.51 -8.20 37.75
CA THR A 266 29.28 -7.45 38.73
C THR A 266 30.71 -7.14 38.26
N GLU A 267 31.41 -8.15 37.75
CA GLU A 267 32.79 -7.96 37.29
C GLU A 267 32.81 -7.10 36.02
N LEU A 268 31.75 -7.21 35.23
CA LEU A 268 31.69 -6.48 33.96
C LEU A 268 31.47 -4.98 34.24
N VAL A 269 30.52 -4.66 35.10
CA VAL A 269 30.26 -3.25 35.42
C VAL A 269 31.45 -2.63 36.14
N ALA A 270 32.07 -3.40 37.04
CA ALA A 270 33.21 -2.90 37.80
C ALA A 270 34.36 -2.53 36.87
N CYS A 271 34.64 -3.38 35.90
CA CYS A 271 35.64 -3.05 34.88
C CYS A 271 35.23 -1.83 34.04
N LEU A 272 33.96 -1.77 33.63
CA LEU A 272 33.48 -0.58 32.94
C LEU A 272 33.69 0.69 33.79
N ARG A 273 33.52 0.58 35.12
CA ARG A 273 33.70 1.75 35.98
C ARG A 273 35.15 2.25 36.04
N THR A 274 36.11 1.43 35.67
CA THR A 274 37.52 1.84 35.73
C THR A 274 37.92 2.60 34.48
N ARG A 275 37.07 2.55 33.46
CA ARG A 275 37.37 3.16 32.17
C ARG A 275 37.10 4.67 32.13
N PRO A 276 38.03 5.44 31.57
CA PRO A 276 37.72 6.86 31.36
C PRO A 276 36.46 7.01 30.52
N ALA A 277 35.66 7.99 30.89
CA ALA A 277 34.39 8.27 30.25
C ALA A 277 34.52 8.42 28.75
N GLN A 278 35.56 9.14 28.31
CA GLN A 278 35.76 9.37 26.88
C GLN A 278 35.94 8.07 26.10
N VAL A 279 36.52 7.05 26.74
CA VAL A 279 36.74 5.77 26.09
C VAL A 279 35.40 5.08 25.78
N LEU A 280 34.43 5.22 26.67
CA LEU A 280 33.12 4.64 26.41
C LEU A 280 32.49 5.38 25.24
N VAL A 281 32.53 6.70 25.29
CA VAL A 281 32.04 7.55 24.21
C VAL A 281 32.64 7.21 22.83
N ASN A 282 33.95 6.92 22.79
CA ASN A 282 34.62 6.66 21.53
C ASN A 282 34.11 5.40 20.84
N HIS A 283 33.28 4.65 21.54
CA HIS A 283 32.77 3.43 20.97
C HIS A 283 31.25 3.45 20.83
N GLU A 284 30.66 4.63 21.02
CA GLU A 284 29.21 4.87 20.96
C GLU A 284 28.59 4.01 19.87
N TRP A 285 28.98 4.33 18.65
CA TRP A 285 28.26 3.85 17.52
C TRP A 285 28.49 2.36 17.27
N HIS A 286 29.68 1.87 17.63
CA HIS A 286 30.10 0.50 17.38
C HIS A 286 29.26 -0.64 17.95
N VAL A 287 28.27 -0.39 18.82
CA VAL A 287 27.49 -1.56 19.30
C VAL A 287 26.16 -1.85 18.61
N LEU A 288 25.81 -1.05 17.62
CA LEU A 288 24.56 -1.27 16.93
C LEU A 288 24.71 -2.56 16.11
N PRO A 289 23.64 -3.38 16.06
CA PRO A 289 23.73 -4.67 15.35
C PRO A 289 23.84 -4.53 13.82
N GLN A 290 23.24 -3.52 13.22
CA GLN A 290 23.40 -3.35 11.78
C GLN A 290 23.58 -1.88 11.39
N GLU A 291 24.15 -1.67 10.21
CA GLU A 291 24.27 -0.35 9.61
C GLU A 291 22.86 0.27 9.56
N SER A 292 22.69 1.49 10.06
CA SER A 292 21.36 2.09 10.18
C SER A 292 21.28 3.62 10.17
N VAL A 293 20.07 4.17 10.04
CA VAL A 293 19.86 5.57 10.35
C VAL A 293 18.82 5.62 11.44
N PHE A 294 18.83 6.68 12.24
CA PHE A 294 17.84 6.87 13.29
C PHE A 294 17.82 5.71 14.28
N ARG A 295 19.00 5.24 14.67
CA ARG A 295 19.11 4.24 15.72
C ARG A 295 20.24 4.60 16.64
N PHE A 296 20.03 4.39 17.94
CA PHE A 296 21.00 4.80 18.94
C PHE A 296 21.29 3.66 19.89
N SER A 297 22.54 3.55 20.29
CA SER A 297 23.00 2.39 21.05
C SER A 297 22.31 2.20 22.40
N PHE A 298 22.35 3.22 23.25
CA PHE A 298 21.85 3.09 24.62
C PHE A 298 20.60 3.94 24.85
N VAL A 299 19.45 3.26 24.91
CA VAL A 299 18.16 3.92 25.01
C VAL A 299 17.39 3.29 26.18
N PRO A 300 16.26 3.89 26.58
CA PRO A 300 15.46 3.24 27.64
C PRO A 300 15.14 1.76 27.37
N VAL A 301 15.26 0.95 28.41
CA VAL A 301 15.02 -0.47 28.29
C VAL A 301 13.68 -0.81 28.94
N VAL A 302 12.91 -1.69 28.29
CA VAL A 302 11.65 -2.20 28.84
C VAL A 302 11.95 -3.41 29.73
N ASP A 303 11.97 -3.21 31.04
CA ASP A 303 12.32 -4.31 31.93
C ASP A 303 11.31 -4.50 33.07
N GLY A 304 10.10 -3.97 32.88
CA GLY A 304 9.04 -4.12 33.88
C GLY A 304 9.10 -3.14 35.02
N ASP A 305 10.16 -2.35 35.09
CA ASP A 305 10.37 -1.45 36.22
C ASP A 305 9.89 -0.01 35.93
N PHE A 306 10.72 0.81 35.28
CA PHE A 306 10.29 2.15 34.86
C PHE A 306 9.09 2.04 33.92
N LEU A 307 9.22 1.18 32.91
CA LEU A 307 8.12 0.81 32.06
C LEU A 307 7.72 -0.64 32.36
N SER A 308 6.51 -0.84 32.85
CA SER A 308 6.05 -2.20 33.20
C SER A 308 5.67 -3.01 31.98
N ASP A 309 5.59 -2.36 30.82
CA ASP A 309 5.37 -3.05 29.55
C ASP A 309 5.94 -2.16 28.46
N THR A 310 5.82 -2.57 27.20
CA THR A 310 6.18 -1.69 26.10
C THR A 310 5.28 -0.44 26.11
N PRO A 311 5.82 0.69 25.63
CA PRO A 311 5.00 1.90 25.61
C PRO A 311 3.76 1.70 24.75
N GLU A 312 3.91 0.95 23.68
N GLU A 312 3.88 0.93 23.67
CA GLU A 312 2.79 0.58 22.83
CA GLU A 312 2.70 0.63 22.86
C GLU A 312 1.66 -0.07 23.65
C GLU A 312 1.63 -0.03 23.72
N ALA A 313 2.01 -1.06 24.46
CA ALA A 313 1.04 -1.74 25.33
C ALA A 313 0.46 -0.79 26.38
N LEU A 314 1.35 0.00 27.01
CA LEU A 314 0.91 0.88 28.10
C LEU A 314 -0.05 1.92 27.56
N ILE A 315 0.19 2.34 26.32
CA ILE A 315 -0.62 3.33 25.64
C ILE A 315 -2.02 2.78 25.34
N ASN A 316 -2.09 1.59 24.74
CA ASN A 316 -3.37 0.95 24.43
C ASN A 316 -4.26 0.69 25.65
N ALA A 317 -3.65 0.35 26.77
CA ALA A 317 -4.36 -0.02 28.00
C ALA A 317 -4.52 1.13 29.01
N GLY A 318 -4.10 2.34 28.63
CA GLY A 318 -4.18 3.46 29.55
C GLY A 318 -5.51 4.20 29.48
N ASP A 319 -5.92 4.76 30.61
CA ASP A 319 -7.06 5.66 30.70
C ASP A 319 -6.42 7.03 30.77
N PHE A 320 -6.76 7.91 29.82
CA PHE A 320 -6.08 9.20 29.77
C PHE A 320 -7.03 10.37 29.93
N HIS A 321 -8.19 10.09 30.53
CA HIS A 321 -9.08 11.17 30.95
C HIS A 321 -8.34 12.11 31.90
N GLY A 322 -8.52 13.41 31.69
CA GLY A 322 -7.87 14.41 32.53
C GLY A 322 -6.51 14.84 32.04
N LEU A 323 -6.07 14.31 30.90
CA LEU A 323 -4.80 14.69 30.31
C LEU A 323 -5.06 15.58 29.10
N GLN A 324 -4.25 16.63 28.97
CA GLN A 324 -4.19 17.40 27.74
C GLN A 324 -2.77 17.25 27.20
N VAL A 325 -2.65 17.05 25.88
CA VAL A 325 -1.36 16.83 25.25
C VAL A 325 -1.26 17.67 23.99
N LEU A 326 -0.09 18.24 23.75
CA LEU A 326 0.18 18.88 22.47
C LEU A 326 1.28 18.08 21.78
N VAL A 327 1.05 17.68 20.53
CA VAL A 327 2.03 16.88 19.80
C VAL A 327 2.16 17.39 18.37
N GLY A 328 3.27 17.06 17.73
CA GLY A 328 3.40 17.52 16.37
C GLY A 328 4.73 17.13 15.78
N VAL A 329 4.91 17.49 14.51
CA VAL A 329 6.07 17.04 13.76
C VAL A 329 6.47 18.19 12.87
N VAL A 330 7.71 18.19 12.37
CA VAL A 330 8.09 19.13 11.31
C VAL A 330 7.72 18.57 9.94
N LYS A 331 7.83 19.39 8.91
CA LYS A 331 7.42 19.00 7.57
C LYS A 331 8.32 17.90 6.98
N ASP A 332 9.60 17.89 7.31
CA ASP A 332 10.49 16.87 6.77
C ASP A 332 11.27 16.10 7.83
N GLU A 333 10.56 15.27 8.59
CA GLU A 333 11.16 14.52 9.70
C GLU A 333 12.35 13.65 9.29
N GLY A 334 12.28 13.02 8.12
CA GLY A 334 13.34 12.10 7.74
C GLY A 334 14.63 12.66 7.18
N SER A 335 14.61 13.86 6.63
CA SER A 335 15.70 14.36 5.78
C SER A 335 17.07 14.42 6.46
N TYR A 336 17.11 15.02 7.65
CA TYR A 336 18.32 15.16 8.45
C TYR A 336 19.05 13.82 8.62
N PHE A 337 18.33 12.77 8.96
CA PHE A 337 18.95 11.49 9.26
C PHE A 337 19.60 10.81 8.05
N LEU A 338 19.15 11.15 6.85
CA LEU A 338 19.69 10.54 5.63
C LEU A 338 21.17 10.89 5.40
N VAL A 339 21.58 12.10 5.76
CA VAL A 339 22.98 12.46 5.59
C VAL A 339 23.89 11.74 6.57
N TYR A 340 23.32 11.07 7.55
CA TYR A 340 24.10 10.30 8.52
C TYR A 340 24.01 8.79 8.33
N GLY A 341 23.91 8.32 7.08
CA GLY A 341 23.95 6.89 6.88
C GLY A 341 23.33 6.33 5.61
N ALA A 342 22.46 7.08 4.96
CA ALA A 342 21.88 6.60 3.72
C ALA A 342 22.91 6.78 2.59
N PRO A 343 23.13 5.72 1.79
CA PRO A 343 24.07 5.83 0.67
C PRO A 343 23.62 6.89 -0.35
N GLY A 344 24.58 7.68 -0.84
CA GLY A 344 24.26 8.68 -1.83
C GLY A 344 23.89 10.05 -1.28
N PHE A 345 23.77 10.18 0.04
CA PHE A 345 23.32 11.45 0.62
C PHE A 345 24.45 12.35 1.07
N SER A 346 24.27 13.65 0.88
CA SER A 346 25.20 14.64 1.42
C SER A 346 24.49 15.97 1.55
N LYS A 347 24.93 16.79 2.48
CA LYS A 347 24.39 18.14 2.59
C LYS A 347 24.92 19.01 1.44
N ASP A 348 26.03 18.58 0.84
CA ASP A 348 26.74 19.39 -0.14
C ASP A 348 26.38 19.13 -1.62
N ASN A 349 25.48 18.18 -1.89
CA ASN A 349 24.86 18.09 -3.21
C ASN A 349 23.34 17.92 -3.11
N GLU A 350 22.68 17.64 -4.23
CA GLU A 350 21.23 17.52 -4.24
C GLU A 350 20.78 16.14 -3.76
N SER A 351 21.74 15.28 -3.48
CA SER A 351 21.44 13.92 -3.02
C SER A 351 20.37 13.24 -3.91
N LEU A 352 20.46 13.44 -5.22
CA LEU A 352 19.56 12.77 -6.18
C LEU A 352 19.99 11.33 -6.37
N ILE A 353 19.48 10.43 -5.52
CA ILE A 353 19.90 9.04 -5.52
C ILE A 353 19.31 8.19 -6.66
N SER A 354 19.91 7.02 -6.87
CA SER A 354 19.43 6.06 -7.86
C SER A 354 18.47 5.07 -7.22
N ARG A 355 17.78 4.31 -8.06
CA ARG A 355 16.88 3.28 -7.55
C ARG A 355 17.63 2.34 -6.62
N ALA A 356 18.84 1.95 -7.02
CA ALA A 356 19.64 1.01 -6.22
C ALA A 356 20.00 1.61 -4.85
N GLU A 357 20.36 2.88 -4.84
CA GLU A 357 20.61 3.58 -3.57
C GLU A 357 19.33 3.71 -2.74
N PHE A 358 18.20 3.94 -3.41
CA PHE A 358 16.93 3.98 -2.70
C PHE A 358 16.68 2.67 -1.98
N LEU A 359 16.90 1.55 -2.66
CA LEU A 359 16.70 0.22 -2.09
C LEU A 359 17.69 -0.13 -0.98
N ALA A 360 18.95 0.18 -1.18
CA ALA A 360 19.91 -0.01 -0.10
C ALA A 360 19.56 0.97 1.04
N GLY A 361 18.99 2.11 0.67
CA GLY A 361 18.59 3.10 1.66
C GLY A 361 17.48 2.57 2.56
N VAL A 362 16.56 1.79 1.99
CA VAL A 362 15.44 1.26 2.75
C VAL A 362 15.90 0.24 3.80
N ARG A 363 16.93 -0.54 3.49
CA ARG A 363 17.45 -1.52 4.43
C ARG A 363 18.10 -0.87 5.62
N VAL A 364 18.74 0.29 5.37
CA VAL A 364 19.36 1.11 6.40
C VAL A 364 18.29 1.83 7.23
N GLY A 365 17.29 2.35 6.55
CA GLY A 365 16.24 3.12 7.20
C GLY A 365 15.25 2.29 7.98
N VAL A 366 15.10 1.01 7.61
CA VAL A 366 14.22 0.11 8.34
C VAL A 366 15.03 -1.11 8.73
N PRO A 367 16.03 -0.91 9.61
CA PRO A 367 16.96 -1.99 9.97
C PRO A 367 16.29 -3.11 10.76
N GLN A 368 16.88 -4.30 10.73
CA GLN A 368 16.37 -5.44 11.51
C GLN A 368 14.93 -5.94 11.20
N VAL A 369 14.41 -5.69 10.00
CA VAL A 369 13.16 -6.35 9.62
C VAL A 369 13.43 -7.39 8.54
N SER A 370 12.48 -8.27 8.32
CA SER A 370 12.63 -9.30 7.30
C SER A 370 12.65 -8.67 5.92
N ASP A 371 13.16 -9.42 4.94
CA ASP A 371 13.17 -8.97 3.55
C ASP A 371 11.75 -8.76 3.06
N LEU A 372 10.84 -9.56 3.56
CA LEU A 372 9.45 -9.37 3.19
C LEU A 372 8.97 -8.00 3.68
N ALA A 373 9.28 -7.68 4.94
CA ALA A 373 8.92 -6.38 5.47
C ALA A 373 9.51 -5.24 4.64
N ALA A 374 10.78 -5.35 4.26
CA ALA A 374 11.40 -4.31 3.44
C ALA A 374 10.72 -4.16 2.08
N GLU A 375 10.35 -5.28 1.47
CA GLU A 375 9.70 -5.29 0.16
C GLU A 375 8.39 -4.56 0.25
N ALA A 376 7.68 -4.81 1.33
CA ALA A 376 6.44 -4.09 1.56
C ALA A 376 6.69 -2.57 1.74
N VAL A 377 7.81 -2.19 2.37
CA VAL A 377 8.13 -0.76 2.41
C VAL A 377 8.34 -0.20 1.01
N VAL A 378 9.22 -0.86 0.25
CA VAL A 378 9.49 -0.46 -1.13
C VAL A 378 8.23 -0.36 -1.99
N LEU A 379 7.27 -1.26 -1.76
CA LEU A 379 6.02 -1.24 -2.52
C LEU A 379 5.25 0.02 -2.19
N HIS A 380 5.08 0.27 -0.90
N HIS A 380 5.07 0.28 -0.90
CA HIS A 380 4.25 1.37 -0.47
CA HIS A 380 4.24 1.40 -0.50
C HIS A 380 4.86 2.69 -0.94
C HIS A 380 4.87 2.73 -0.83
N TYR A 381 6.20 2.77 -0.92
CA TYR A 381 6.90 4.05 -1.16
C TYR A 381 7.44 4.24 -2.58
N THR A 382 7.20 3.29 -3.46
CA THR A 382 7.56 3.49 -4.86
C THR A 382 6.38 4.09 -5.59
N ASP A 383 6.61 5.13 -6.38
CA ASP A 383 5.63 5.56 -7.39
C ASP A 383 5.86 4.68 -8.64
N TRP A 384 4.93 3.78 -8.92
CA TRP A 384 5.18 2.80 -9.97
C TRP A 384 5.04 3.35 -11.40
N LEU A 385 4.59 4.60 -11.53
CA LEU A 385 4.70 5.34 -12.79
C LEU A 385 6.06 6.03 -13.01
N HIS A 386 6.86 6.15 -11.94
CA HIS A 386 8.17 6.80 -12.00
C HIS A 386 9.13 6.10 -11.04
N PRO A 387 9.34 4.79 -11.22
CA PRO A 387 10.05 4.05 -10.18
C PRO A 387 11.51 4.46 -10.00
N GLU A 388 12.08 5.18 -10.96
CA GLU A 388 13.53 5.37 -11.04
C GLU A 388 13.97 6.84 -11.00
N ASP A 389 13.00 7.74 -10.82
CA ASP A 389 13.27 9.15 -10.80
C ASP A 389 13.98 9.61 -9.49
N PRO A 390 15.24 10.06 -9.59
CA PRO A 390 16.08 10.45 -8.44
C PRO A 390 15.40 11.39 -7.45
N ALA A 391 14.81 12.49 -7.90
CA ALA A 391 14.20 13.41 -6.94
C ALA A 391 13.03 12.80 -6.14
N ARG A 392 12.21 11.98 -6.79
CA ARG A 392 11.12 11.27 -6.11
C ARG A 392 11.65 10.22 -5.13
N LEU A 393 12.74 9.55 -5.50
CA LEU A 393 13.36 8.55 -4.62
C LEU A 393 13.96 9.19 -3.37
N ARG A 394 14.49 10.41 -3.53
CA ARG A 394 15.02 11.18 -2.41
C ARG A 394 13.90 11.53 -1.43
N GLU A 395 12.85 12.18 -1.94
CA GLU A 395 11.68 12.50 -1.13
C GLU A 395 11.06 11.24 -0.54
N ALA A 396 11.08 10.12 -1.27
CA ALA A 396 10.38 8.94 -0.78
C ALA A 396 11.16 8.33 0.36
N LEU A 397 12.48 8.26 0.24
CA LEU A 397 13.29 7.70 1.31
C LEU A 397 13.26 8.59 2.60
N SER A 398 13.20 9.92 2.41
CA SER A 398 13.01 10.82 3.53
C SER A 398 11.69 10.49 4.24
N ASP A 399 10.65 10.25 3.44
CA ASP A 399 9.33 9.84 3.96
C ASP A 399 9.36 8.51 4.68
N VAL A 400 10.09 7.55 4.14
CA VAL A 400 10.19 6.26 4.79
C VAL A 400 10.72 6.46 6.23
N VAL A 401 11.88 7.10 6.33
CA VAL A 401 12.57 7.28 7.59
C VAL A 401 11.77 8.17 8.57
N GLY A 402 11.22 9.26 8.05
CA GLY A 402 10.40 10.16 8.85
C GLY A 402 9.09 9.56 9.35
N ASP A 403 8.44 8.76 8.50
CA ASP A 403 7.15 8.15 8.84
C ASP A 403 7.34 7.05 9.88
N HIS A 404 8.27 6.16 9.59
CA HIS A 404 8.59 5.04 10.44
C HIS A 404 9.04 5.50 11.83
N ASN A 405 9.94 6.47 11.86
CA ASN A 405 10.52 6.86 13.14
C ASN A 405 9.75 7.91 13.91
N VAL A 406 9.05 8.81 13.22
CA VAL A 406 8.46 9.96 13.89
C VAL A 406 6.98 10.16 13.65
N VAL A 407 6.58 10.44 12.41
CA VAL A 407 5.21 10.79 12.12
C VAL A 407 4.19 9.72 12.57
N CYS A 408 4.43 8.48 12.19
CA CYS A 408 3.47 7.45 12.51
C CYS A 408 3.47 7.03 14.00
N PRO A 409 4.64 6.99 14.66
CA PRO A 409 4.54 6.79 16.11
C PRO A 409 3.79 7.93 16.82
N VAL A 410 3.99 9.16 16.36
CA VAL A 410 3.28 10.30 16.95
C VAL A 410 1.77 10.19 16.68
N ALA A 411 1.39 9.85 15.44
CA ALA A 411 -0.02 9.68 15.05
C ALA A 411 -0.70 8.59 15.87
N GLN A 412 0.00 7.50 16.05
CA GLN A 412 -0.52 6.44 16.87
C GLN A 412 -0.76 6.90 18.31
N LEU A 413 0.23 7.57 18.89
CA LEU A 413 0.09 8.09 20.24
C LEU A 413 -1.12 9.03 20.33
N ALA A 414 -1.20 9.96 19.41
CA ALA A 414 -2.27 10.94 19.41
C ALA A 414 -3.66 10.29 19.27
N GLY A 415 -3.76 9.28 18.40
CA GLY A 415 -5.00 8.59 18.18
C GLY A 415 -5.45 7.82 19.39
N ARG A 416 -4.52 7.07 19.97
CA ARG A 416 -4.84 6.28 21.15
C ARG A 416 -5.19 7.19 22.33
N LEU A 417 -4.39 8.23 22.55
CA LEU A 417 -4.63 9.12 23.68
C LEU A 417 -6.01 9.80 23.57
N ALA A 418 -6.32 10.33 22.40
CA ALA A 418 -7.59 11.00 22.19
C ALA A 418 -8.77 10.04 22.37
N ALA A 419 -8.63 8.80 21.89
CA ALA A 419 -9.68 7.80 21.98
C ALA A 419 -9.83 7.25 23.39
N GLN A 420 -8.86 7.53 24.25
CA GLN A 420 -8.89 6.96 25.60
C GLN A 420 -8.93 8.04 26.66
N GLY A 421 -9.47 9.19 26.25
CA GLY A 421 -9.87 10.22 27.19
C GLY A 421 -9.08 11.51 27.26
N ALA A 422 -7.98 11.62 26.51
CA ALA A 422 -7.14 12.80 26.61
C ALA A 422 -7.63 13.79 25.61
N ARG A 423 -7.36 15.06 25.83
CA ARG A 423 -7.60 16.09 24.83
C ARG A 423 -6.27 16.35 24.13
N VAL A 424 -6.24 16.16 22.82
CA VAL A 424 -5.01 16.19 22.08
C VAL A 424 -5.03 17.32 21.06
N TYR A 425 -3.94 18.06 20.97
CA TYR A 425 -3.77 19.02 19.89
C TYR A 425 -2.56 18.63 19.05
N ALA A 426 -2.72 18.66 17.73
CA ALA A 426 -1.68 18.23 16.81
C ALA A 426 -1.26 19.34 15.84
N TYR A 427 0.01 19.40 15.48
CA TYR A 427 0.46 20.38 14.51
C TYR A 427 1.47 19.78 13.54
N VAL A 428 1.57 20.40 12.37
CA VAL A 428 2.73 20.22 11.51
C VAL A 428 3.43 21.55 11.36
N PHE A 429 4.72 21.55 11.62
CA PHE A 429 5.48 22.78 11.59
C PHE A 429 6.11 22.93 10.20
N GLU A 430 5.70 23.95 9.45
CA GLU A 430 6.04 23.99 8.03
C GLU A 430 6.86 25.20 7.61
N HIS A 431 7.52 25.83 8.56
CA HIS A 431 8.32 26.98 8.21
C HIS A 431 9.79 26.65 8.18
N ARG A 432 10.43 26.91 7.04
CA ARG A 432 11.88 26.80 6.92
C ARG A 432 12.54 28.12 7.34
N ALA A 433 13.33 28.08 8.42
CA ALA A 433 13.99 29.26 8.95
C ALA A 433 14.85 29.94 7.88
N SER A 434 14.72 31.25 7.76
CA SER A 434 15.55 32.03 6.83
C SER A 434 17.04 31.83 7.07
N THR A 435 17.37 31.48 8.30
CA THR A 435 18.77 31.38 8.73
C THR A 435 19.30 29.96 8.59
N LEU A 436 18.49 29.06 8.03
CA LEU A 436 18.85 27.64 8.03
C LEU A 436 20.04 27.36 7.10
N SER A 437 21.04 26.66 7.61
CA SER A 437 22.25 26.43 6.85
C SER A 437 22.32 25.04 6.18
N TRP A 438 21.34 24.18 6.47
CA TRP A 438 21.22 22.91 5.75
C TRP A 438 20.59 23.20 4.37
N PRO A 439 20.95 22.41 3.36
CA PRO A 439 20.45 22.69 2.01
C PRO A 439 18.92 22.69 1.90
N LEU A 440 18.45 23.29 0.81
CA LEU A 440 17.04 23.42 0.52
C LEU A 440 16.32 22.08 0.32
N TRP A 441 17.05 21.07 -0.12
CA TRP A 441 16.42 19.78 -0.30
C TRP A 441 16.01 19.13 1.02
N MET A 442 16.53 19.63 2.15
CA MET A 442 16.15 19.04 3.43
C MET A 442 14.81 19.58 3.95
N GLY A 443 14.27 20.60 3.28
CA GLY A 443 13.02 21.22 3.70
C GLY A 443 13.09 21.78 5.12
N VAL A 444 12.09 21.42 5.94
CA VAL A 444 12.08 21.77 7.36
C VAL A 444 12.58 20.57 8.17
N PRO A 445 13.87 20.54 8.54
CA PRO A 445 14.31 19.26 9.14
C PRO A 445 13.99 19.14 10.64
N HIS A 446 14.10 17.91 11.13
CA HIS A 446 14.00 17.56 12.53
C HIS A 446 14.78 18.51 13.42
N GLY A 447 14.14 19.09 14.41
CA GLY A 447 14.84 19.97 15.34
C GLY A 447 14.69 21.46 15.07
N TYR A 448 14.19 21.81 13.90
CA TYR A 448 14.23 23.20 13.48
C TYR A 448 12.97 24.00 13.75
N GLU A 449 12.06 23.42 14.53
CA GLU A 449 10.95 24.18 15.10
C GLU A 449 11.36 24.76 16.46
N ILE A 450 12.35 24.15 17.10
CA ILE A 450 12.69 24.50 18.47
C ILE A 450 13.08 25.98 18.68
N GLU A 451 13.95 26.51 17.84
CA GLU A 451 14.41 27.90 17.98
C GLU A 451 13.22 28.86 17.94
N PHE A 452 12.17 28.47 17.22
CA PHE A 452 10.95 29.27 17.16
C PHE A 452 10.11 29.17 18.42
N ILE A 453 10.03 27.97 19.01
CA ILE A 453 9.28 27.79 20.23
C ILE A 453 9.96 28.58 21.36
N PHE A 454 11.30 28.65 21.35
CA PHE A 454 12.01 29.35 22.41
C PHE A 454 12.15 30.85 22.11
N GLY A 455 11.57 31.30 21.02
CA GLY A 455 11.60 32.69 20.64
C GLY A 455 13.00 33.21 20.36
N ILE A 456 13.92 32.32 20.00
CA ILE A 456 15.25 32.73 19.55
C ILE A 456 15.23 33.83 18.46
N PRO A 457 14.24 33.80 17.55
CA PRO A 457 14.23 34.93 16.60
C PRO A 457 14.17 36.35 17.19
N LEU A 458 13.89 36.52 18.48
CA LEU A 458 13.75 37.85 19.06
C LEU A 458 15.11 38.41 19.44
N ASP A 459 16.11 37.54 19.44
CA ASP A 459 17.45 37.94 19.72
C ASP A 459 17.91 38.86 18.58
N PRO A 460 18.20 40.14 18.90
CA PRO A 460 18.54 41.14 17.88
C PRO A 460 19.78 40.71 17.10
N SER A 461 20.81 40.29 17.82
CA SER A 461 22.05 39.83 17.24
C SER A 461 21.96 38.63 16.30
N ARG A 462 20.76 38.16 15.99
CA ARG A 462 20.60 37.11 14.98
C ARG A 462 19.80 37.63 13.78
N ASN A 463 19.70 36.83 12.73
CA ASN A 463 19.32 37.38 11.42
C ASN A 463 17.89 37.09 10.98
N TYR A 464 17.00 36.80 11.92
CA TYR A 464 15.66 36.41 11.53
C TYR A 464 14.90 37.61 11.01
N THR A 465 13.90 37.39 10.17
CA THR A 465 13.10 38.49 9.63
C THR A 465 12.06 38.97 10.62
N ALA A 466 11.48 40.14 10.32
CA ALA A 466 10.40 40.69 11.10
C ALA A 466 9.22 39.72 11.17
N GLU A 467 8.91 39.06 10.06
CA GLU A 467 7.82 38.08 10.04
C GLU A 467 8.13 36.91 10.97
N GLU A 468 9.37 36.44 10.93
CA GLU A 468 9.79 35.33 11.75
C GLU A 468 9.66 35.64 13.24
N LYS A 469 9.96 36.89 13.64
CA LYS A 469 9.78 37.33 15.02
C LYS A 469 8.32 37.25 15.46
N ILE A 470 7.44 37.85 14.66
CA ILE A 470 6.02 37.72 14.88
C ILE A 470 5.55 36.26 14.99
N PHE A 471 6.14 35.39 14.17
CA PHE A 471 5.80 33.96 14.15
C PHE A 471 6.20 33.30 15.46
N ALA A 472 7.45 33.55 15.87
CA ALA A 472 7.94 33.06 17.14
C ALA A 472 7.00 33.50 18.27
N GLN A 473 6.52 34.73 18.18
CA GLN A 473 5.63 35.24 19.22
C GLN A 473 4.31 34.50 19.23
N ARG A 474 3.77 34.18 18.05
CA ARG A 474 2.59 33.32 17.98
C ARG A 474 2.81 31.98 18.64
N LEU A 475 3.98 31.38 18.41
CA LEU A 475 4.22 30.01 18.86
C LEU A 475 4.43 29.95 20.37
N MET A 476 5.07 30.98 20.92
CA MET A 476 5.28 31.02 22.35
C MET A 476 3.92 31.20 23.00
N ARG A 477 3.04 31.95 22.35
CA ARG A 477 1.70 32.16 22.89
C ARG A 477 0.89 30.87 22.86
N TYR A 478 0.97 30.10 21.76
CA TYR A 478 0.29 28.79 21.71
C TYR A 478 0.80 27.90 22.85
N TRP A 479 2.12 27.74 22.94
CA TRP A 479 2.71 26.83 23.90
C TRP A 479 2.39 27.24 25.33
N ALA A 480 2.42 28.55 25.60
CA ALA A 480 2.19 29.03 26.95
C ALA A 480 0.68 28.98 27.30
N ASN A 481 -0.18 29.30 26.31
CA ASN A 481 -1.61 29.14 26.49
C ASN A 481 -1.88 27.71 26.90
N PHE A 482 -1.22 26.78 26.23
CA PHE A 482 -1.42 25.37 26.49
C PHE A 482 -0.97 25.04 27.94
N ALA A 483 0.23 25.45 28.31
CA ALA A 483 0.71 25.28 29.69
C ALA A 483 -0.27 25.81 30.77
N ARG A 484 -0.88 26.97 30.50
CA ARG A 484 -1.76 27.61 31.47
C ARG A 484 -3.13 26.96 31.54
N THR A 485 -3.68 26.53 30.39
CA THR A 485 -5.08 26.12 30.32
C THR A 485 -5.34 24.73 29.73
N GLY A 486 -4.34 24.13 29.10
CA GLY A 486 -4.59 22.86 28.44
C GLY A 486 -5.16 23.09 27.05
N ASP A 487 -5.09 24.32 26.58
CA ASP A 487 -5.62 24.64 25.25
C ASP A 487 -4.78 25.78 24.65
N PRO A 488 -4.17 25.54 23.47
CA PRO A 488 -3.31 26.57 22.86
C PRO A 488 -4.06 27.79 22.32
N ASN A 489 -5.37 27.68 22.13
CA ASN A 489 -6.12 28.72 21.44
C ASN A 489 -6.18 30.08 22.13
N GLU A 490 -6.06 31.12 21.33
CA GLU A 490 -6.37 32.49 21.74
C GLU A 490 -7.88 32.70 21.66
N PRO A 491 -8.40 33.75 22.34
CA PRO A 491 -9.83 34.08 22.17
C PRO A 491 -10.26 34.25 20.71
N ARG A 492 -11.49 33.84 20.43
CA ARG A 492 -12.04 33.71 19.08
C ARG A 492 -11.81 34.93 18.17
N ASP A 493 -11.55 34.64 16.89
CA ASP A 493 -11.21 35.65 15.88
C ASP A 493 -11.14 35.01 14.49
N PRO A 497 -8.87 32.28 13.75
CA PRO A 497 -8.94 30.91 13.18
C PRO A 497 -8.52 29.87 14.24
N GLN A 498 -9.42 28.93 14.55
CA GLN A 498 -9.25 28.12 15.75
C GLN A 498 -8.53 26.78 15.51
N TRP A 499 -7.81 26.32 16.53
CA TRP A 499 -7.04 25.09 16.49
C TRP A 499 -7.86 24.01 17.19
N PRO A 500 -8.50 23.12 16.41
CA PRO A 500 -9.39 22.09 17.00
C PRO A 500 -8.58 20.92 17.52
N PRO A 501 -9.13 20.21 18.50
CA PRO A 501 -8.49 19.01 19.04
C PRO A 501 -8.40 17.91 17.98
N TYR A 502 -7.36 17.08 18.09
CA TYR A 502 -7.19 15.92 17.25
C TYR A 502 -8.01 14.77 17.81
N THR A 503 -8.80 14.13 16.97
CA THR A 503 -9.55 12.91 17.35
C THR A 503 -9.22 11.79 16.37
N ALA A 504 -9.41 10.54 16.79
CA ALA A 504 -9.04 9.40 15.93
C ALA A 504 -9.82 9.34 14.63
N GLY A 505 -11.07 9.85 14.64
CA GLY A 505 -11.84 9.91 13.41
C GLY A 505 -11.53 11.09 12.50
N ALA A 506 -11.77 12.31 12.99
CA ALA A 506 -11.56 13.48 12.17
C ALA A 506 -10.07 13.75 11.91
N GLN A 507 -9.23 13.43 12.89
CA GLN A 507 -7.78 13.50 12.71
C GLN A 507 -7.30 14.91 12.32
N GLN A 508 -7.90 15.94 12.91
CA GLN A 508 -7.55 17.30 12.56
C GLN A 508 -6.25 17.77 13.22
N TYR A 509 -5.44 18.51 12.47
CA TYR A 509 -4.21 19.10 12.98
C TYR A 509 -4.01 20.42 12.25
N VAL A 510 -3.14 21.29 12.77
CA VAL A 510 -2.92 22.54 12.05
C VAL A 510 -1.52 22.66 11.52
N SER A 511 -1.37 23.45 10.47
CA SER A 511 -0.05 23.79 9.96
C SER A 511 0.41 25.05 10.68
N LEU A 512 1.60 25.00 11.26
CA LEU A 512 2.20 26.19 11.83
C LEU A 512 3.21 26.76 10.85
N ASP A 513 2.88 27.88 10.21
CA ASP A 513 3.88 28.70 9.51
C ASP A 513 3.50 30.18 9.50
N LEU A 514 4.02 30.94 8.55
CA LEU A 514 3.79 32.39 8.51
C LEU A 514 2.35 32.79 8.25
N ARG A 515 1.65 32.02 7.41
CA ARG A 515 0.22 32.19 7.16
C ARG A 515 -0.52 31.88 8.43
N PRO A 516 -1.76 32.35 8.56
CA PRO A 516 -2.58 31.94 9.70
C PRO A 516 -2.81 30.42 9.75
N LEU A 517 -3.19 29.92 10.92
CA LEU A 517 -3.57 28.54 11.12
C LEU A 517 -4.46 28.02 9.99
N GLU A 518 -4.08 26.88 9.44
CA GLU A 518 -4.89 26.18 8.47
C GLU A 518 -5.12 24.81 9.06
N VAL A 519 -6.39 24.40 9.08
CA VAL A 519 -6.77 23.10 9.60
C VAL A 519 -6.72 22.10 8.48
N ARG A 520 -6.12 20.93 8.75
CA ARG A 520 -6.06 19.83 7.80
C ARG A 520 -6.40 18.53 8.50
N ARG A 521 -6.60 17.47 7.72
CA ARG A 521 -7.02 16.15 8.23
C ARG A 521 -6.01 15.04 7.93
N GLY A 522 -5.72 14.24 8.93
CA GLY A 522 -4.88 13.06 8.75
C GLY A 522 -3.38 13.31 8.76
N LEU A 523 -2.72 12.83 9.82
CA LEU A 523 -1.26 12.82 9.86
C LEU A 523 -0.72 11.68 8.98
N ARG A 524 -0.58 11.94 7.69
N ARG A 524 -0.57 11.93 7.69
CA ARG A 524 -0.10 10.93 6.75
CA ARG A 524 -0.09 10.92 6.76
C ARG A 524 -0.86 9.61 6.97
C ARG A 524 -0.86 9.61 6.97
N ALA A 525 -2.18 9.71 6.95
CA ALA A 525 -3.04 8.60 7.32
C ALA A 525 -2.82 7.35 6.49
N GLN A 526 -2.60 7.51 5.19
CA GLN A 526 -2.39 6.34 4.35
C GLN A 526 -1.08 5.65 4.69
N ALA A 527 0.00 6.42 4.84
CA ALA A 527 1.28 5.83 5.18
C ALA A 527 1.25 5.23 6.58
N CYS A 528 0.60 5.92 7.51
CA CYS A 528 0.64 5.47 8.89
C CYS A 528 -0.24 4.25 9.14
N ALA A 529 -1.26 4.09 8.30
CA ALA A 529 -2.00 2.81 8.25
C ALA A 529 -1.04 1.65 8.01
N PHE A 530 -0.14 1.82 7.04
CA PHE A 530 0.87 0.79 6.77
C PHE A 530 1.71 0.49 8.02
N TRP A 531 2.34 1.52 8.58
CA TRP A 531 3.28 1.32 9.71
C TRP A 531 2.58 0.89 10.99
N ASN A 532 1.41 1.45 11.25
CA ASN A 532 0.70 1.24 12.52
C ASN A 532 -0.27 0.05 12.49
N ARG A 533 -0.89 -0.22 11.35
CA ARG A 533 -1.88 -1.32 11.30
C ARG A 533 -1.34 -2.57 10.63
N PHE A 534 -0.80 -2.42 9.42
CA PHE A 534 -0.37 -3.58 8.65
C PHE A 534 0.96 -4.17 9.12
N LEU A 535 2.03 -3.39 9.03
CA LEU A 535 3.38 -3.90 9.29
C LEU A 535 3.57 -4.75 10.54
N PRO A 536 2.94 -4.37 11.67
CA PRO A 536 3.11 -5.23 12.85
C PRO A 536 2.58 -6.63 12.64
N LYS A 537 1.46 -6.76 11.93
CA LYS A 537 0.90 -8.09 11.62
C LYS A 537 1.88 -8.87 10.79
N LEU A 538 2.45 -8.23 9.78
CA LEU A 538 3.43 -8.90 8.93
C LEU A 538 4.59 -9.41 9.77
N LEU A 539 5.10 -8.57 10.66
CA LEU A 539 6.24 -8.94 11.50
C LEU A 539 5.95 -10.08 12.49
N SER A 540 4.69 -10.28 12.85
CA SER A 540 4.26 -11.36 13.76
C SER A 540 4.04 -12.70 13.07
N ALA A 541 4.00 -12.70 11.73
CA ALA A 541 3.88 -13.94 10.95
C ALA A 541 5.11 -14.18 10.05
N GLU B 3 -30.55 -22.75 -56.98
CA GLU B 3 -29.31 -22.81 -56.20
C GLU B 3 -28.37 -21.60 -56.45
N ASP B 4 -27.91 -20.95 -55.36
CA ASP B 4 -27.03 -19.78 -55.42
C ASP B 4 -25.59 -20.18 -55.16
N ALA B 5 -24.72 -19.99 -56.15
CA ALA B 5 -23.32 -20.41 -56.04
C ALA B 5 -22.56 -19.80 -54.86
N GLU B 6 -22.92 -18.57 -54.50
CA GLU B 6 -22.30 -17.87 -53.37
C GLU B 6 -22.56 -18.59 -52.05
N LEU B 7 -23.74 -19.20 -51.93
CA LEU B 7 -24.14 -19.84 -50.67
C LEU B 7 -23.74 -21.30 -50.62
N LEU B 8 -22.85 -21.71 -51.51
CA LEU B 8 -22.45 -23.10 -51.59
C LEU B 8 -20.97 -23.21 -51.55
N VAL B 9 -20.47 -24.10 -50.69
CA VAL B 9 -19.05 -24.19 -50.46
C VAL B 9 -18.70 -25.60 -50.14
N THR B 10 -17.54 -26.03 -50.61
CA THR B 10 -17.01 -27.35 -50.28
C THR B 10 -15.80 -27.27 -49.37
N VAL B 11 -15.90 -27.88 -48.20
CA VAL B 11 -14.78 -27.95 -47.24
C VAL B 11 -14.29 -29.38 -47.19
N ARG B 12 -13.17 -29.64 -46.53
CA ARG B 12 -12.60 -31.00 -46.58
C ARG B 12 -13.59 -32.13 -46.24
N GLY B 13 -14.62 -31.81 -45.45
CA GLY B 13 -15.54 -32.82 -44.95
C GLY B 13 -16.68 -33.18 -45.89
N GLY B 14 -16.96 -32.31 -46.86
CA GLY B 14 -18.13 -32.43 -47.70
C GLY B 14 -18.70 -31.08 -48.05
N ARG B 15 -19.93 -31.07 -48.55
CA ARG B 15 -20.53 -29.83 -49.06
C ARG B 15 -21.43 -29.15 -48.06
N LEU B 16 -21.46 -27.81 -48.15
CA LEU B 16 -22.24 -26.96 -47.27
C LEU B 16 -23.13 -26.01 -48.06
N ARG B 17 -24.28 -25.69 -47.50
CA ARG B 17 -25.18 -24.70 -48.04
C ARG B 17 -25.37 -23.63 -46.96
N GLY B 18 -25.20 -22.36 -47.30
CA GLY B 18 -25.33 -21.33 -46.29
C GLY B 18 -26.56 -20.47 -46.50
N ILE B 19 -26.52 -19.27 -45.97
CA ILE B 19 -27.68 -18.41 -45.99
C ILE B 19 -27.19 -16.97 -46.28
N ARG B 20 -28.03 -16.19 -46.94
CA ARG B 20 -27.69 -14.80 -47.25
C ARG B 20 -28.40 -13.88 -46.27
N LEU B 21 -27.61 -13.13 -45.49
CA LEU B 21 -28.16 -12.27 -44.45
C LEU B 21 -28.22 -10.80 -44.87
N LYS B 22 -29.37 -10.18 -44.56
CA LYS B 22 -29.51 -8.75 -44.72
C LYS B 22 -28.71 -8.06 -43.62
N THR B 23 -27.94 -7.05 -43.98
CA THR B 23 -27.39 -6.12 -42.98
C THR B 23 -27.51 -4.70 -43.53
N PRO B 24 -27.80 -3.73 -42.66
CA PRO B 24 -27.97 -2.32 -43.01
C PRO B 24 -26.96 -1.73 -43.98
N GLY B 25 -25.87 -2.43 -44.28
CA GLY B 25 -24.92 -1.93 -45.26
C GLY B 25 -24.78 -2.80 -46.50
N GLY B 26 -25.54 -3.89 -46.59
CA GLY B 26 -25.39 -4.82 -47.69
C GLY B 26 -25.42 -6.26 -47.23
N PRO B 27 -25.51 -7.21 -48.18
CA PRO B 27 -25.66 -8.62 -47.82
C PRO B 27 -24.35 -9.28 -47.39
N VAL B 28 -24.46 -10.29 -46.53
CA VAL B 28 -23.33 -11.09 -46.09
C VAL B 28 -23.66 -12.57 -46.26
N SER B 29 -22.67 -13.40 -46.59
CA SER B 29 -22.86 -14.85 -46.63
C SER B 29 -22.56 -15.46 -45.26
N ALA B 30 -23.51 -16.21 -44.71
CA ALA B 30 -23.31 -16.85 -43.42
C ALA B 30 -23.46 -18.37 -43.50
N PHE B 31 -22.49 -19.06 -42.94
CA PHE B 31 -22.53 -20.49 -42.84
C PHE B 31 -22.55 -20.84 -41.34
N LEU B 32 -23.75 -20.93 -40.78
CA LEU B 32 -23.96 -21.13 -39.36
C LEU B 32 -24.23 -22.59 -39.03
N GLY B 33 -23.54 -23.15 -38.03
CA GLY B 33 -23.81 -24.51 -37.61
C GLY B 33 -23.06 -25.57 -38.39
N ILE B 34 -21.79 -25.30 -38.71
CA ILE B 34 -20.95 -26.28 -39.40
C ILE B 34 -20.35 -27.26 -38.42
N PRO B 35 -20.61 -28.56 -38.60
CA PRO B 35 -20.01 -29.49 -37.65
C PRO B 35 -18.49 -29.54 -37.82
N PHE B 36 -17.74 -29.49 -36.71
CA PHE B 36 -16.29 -29.55 -36.82
C PHE B 36 -15.70 -30.70 -36.04
N ALA B 37 -16.52 -31.31 -35.20
CA ALA B 37 -16.15 -32.52 -34.47
C ALA B 37 -17.32 -33.53 -34.47
N GLU B 38 -17.03 -34.81 -34.22
CA GLU B 38 -18.07 -35.78 -33.87
C GLU B 38 -18.68 -35.34 -32.54
N PRO B 39 -20.00 -35.47 -32.42
CA PRO B 39 -20.66 -35.06 -31.16
C PRO B 39 -20.04 -35.75 -29.94
N PRO B 40 -19.60 -34.97 -28.93
CA PRO B 40 -18.96 -35.56 -27.74
C PRO B 40 -19.98 -36.22 -26.80
N MET B 41 -20.67 -37.23 -27.31
CA MET B 41 -21.85 -37.79 -26.66
C MET B 41 -21.51 -39.13 -26.04
N GLY B 42 -22.25 -39.49 -24.99
CA GLY B 42 -22.17 -40.82 -24.40
C GLY B 42 -20.78 -41.20 -23.92
N PRO B 43 -20.16 -42.18 -24.59
CA PRO B 43 -18.80 -42.65 -24.31
C PRO B 43 -17.75 -41.59 -24.63
N ARG B 44 -18.07 -40.64 -25.49
CA ARG B 44 -17.14 -39.55 -25.81
C ARG B 44 -17.22 -38.34 -24.85
N ARG B 45 -18.09 -38.39 -23.85
CA ARG B 45 -18.13 -37.34 -22.83
C ARG B 45 -16.80 -37.25 -22.05
N PHE B 46 -16.29 -36.03 -21.87
CA PHE B 46 -15.02 -35.73 -21.19
C PHE B 46 -13.78 -36.02 -22.02
N LEU B 47 -13.96 -36.57 -23.22
CA LEU B 47 -12.82 -36.93 -24.05
C LEU B 47 -12.45 -35.82 -25.02
N PRO B 48 -11.20 -35.82 -25.49
CA PRO B 48 -10.82 -34.86 -26.52
C PRO B 48 -11.71 -34.99 -27.75
N PRO B 49 -11.98 -33.88 -28.43
CA PRO B 49 -12.83 -33.94 -29.60
C PRO B 49 -12.20 -34.79 -30.73
N GLU B 50 -13.03 -35.55 -31.44
CA GLU B 50 -12.58 -36.27 -32.64
C GLU B 50 -12.94 -35.39 -33.83
N PRO B 51 -12.06 -35.31 -34.85
CA PRO B 51 -12.48 -34.60 -36.05
C PRO B 51 -13.78 -35.16 -36.69
N LYS B 52 -14.59 -34.25 -37.21
CA LYS B 52 -15.82 -34.61 -37.91
C LYS B 52 -15.55 -35.53 -39.12
N GLN B 53 -16.16 -36.70 -39.14
CA GLN B 53 -16.06 -37.60 -40.32
C GLN B 53 -16.68 -37.00 -41.59
N PRO B 54 -16.04 -37.19 -42.75
CA PRO B 54 -16.64 -36.70 -44.01
C PRO B 54 -18.11 -37.15 -44.20
N TRP B 55 -18.88 -36.35 -44.90
CA TRP B 55 -20.28 -36.67 -45.16
C TRP B 55 -20.57 -36.56 -46.65
N SER B 56 -21.58 -37.30 -47.10
CA SER B 56 -22.03 -37.19 -48.47
C SER B 56 -23.24 -36.27 -48.47
N GLY B 57 -23.53 -35.67 -49.62
CA GLY B 57 -24.61 -34.73 -49.71
C GLY B 57 -24.21 -33.36 -49.17
N VAL B 58 -25.22 -32.57 -48.84
CA VAL B 58 -25.03 -31.18 -48.46
C VAL B 58 -25.59 -30.92 -47.08
N VAL B 59 -24.74 -30.45 -46.17
CA VAL B 59 -25.18 -30.05 -44.83
C VAL B 59 -25.71 -28.63 -44.90
N ASP B 60 -26.92 -28.40 -44.39
CA ASP B 60 -27.44 -27.04 -44.32
C ASP B 60 -26.83 -26.29 -43.12
N ALA B 61 -25.95 -25.32 -43.40
CA ALA B 61 -25.37 -24.44 -42.37
C ALA B 61 -26.15 -23.16 -42.39
N THR B 62 -27.37 -23.20 -41.89
CA THR B 62 -28.28 -22.12 -42.14
C THR B 62 -28.83 -21.52 -40.86
N THR B 63 -28.39 -22.04 -39.71
CA THR B 63 -28.82 -21.50 -38.41
C THR B 63 -27.86 -21.99 -37.34
N PHE B 64 -27.80 -21.28 -36.22
CA PHE B 64 -26.92 -21.71 -35.13
C PHE B 64 -27.36 -23.08 -34.58
N GLN B 65 -26.39 -23.92 -34.24
CA GLN B 65 -26.69 -25.18 -33.57
C GLN B 65 -26.84 -24.99 -32.06
N SER B 66 -27.03 -26.09 -31.36
CA SER B 66 -27.30 -26.07 -29.93
C SER B 66 -26.17 -25.47 -29.09
N VAL B 67 -26.55 -24.84 -28.00
CA VAL B 67 -25.64 -24.37 -26.98
C VAL B 67 -25.11 -25.57 -26.17
N CYS B 68 -23.81 -25.59 -25.86
CA CYS B 68 -23.27 -26.70 -25.07
C CYS B 68 -23.92 -26.66 -23.70
N TYR B 69 -24.22 -27.82 -23.15
CA TYR B 69 -24.87 -27.91 -21.83
C TYR B 69 -24.21 -27.03 -20.76
N GLN B 70 -25.02 -26.26 -20.06
CA GLN B 70 -24.47 -25.33 -19.10
C GLN B 70 -25.55 -24.87 -18.16
N TYR B 71 -25.13 -24.40 -17.00
CA TYR B 71 -25.98 -23.68 -16.08
C TYR B 71 -26.63 -22.44 -16.73
N VAL B 72 -27.86 -22.12 -16.31
CA VAL B 72 -28.64 -21.01 -16.87
C VAL B 72 -29.03 -20.06 -15.76
N ASP B 73 -28.65 -18.80 -15.90
CA ASP B 73 -28.84 -17.85 -14.80
C ASP B 73 -30.29 -17.48 -14.55
N THR B 74 -30.68 -17.55 -13.28
CA THR B 74 -32.04 -17.21 -12.88
C THR B 74 -32.11 -16.22 -11.72
N LEU B 75 -31.03 -15.46 -11.50
CA LEU B 75 -31.00 -14.49 -10.42
C LEU B 75 -32.00 -13.35 -10.64
N TYR B 76 -32.15 -12.93 -11.90
CA TYR B 76 -33.21 -11.98 -12.23
C TYR B 76 -33.97 -12.42 -13.50
N PRO B 77 -34.89 -13.38 -13.35
CA PRO B 77 -35.64 -13.97 -14.47
C PRO B 77 -36.33 -12.93 -15.36
N GLY B 78 -36.19 -13.04 -16.68
CA GLY B 78 -36.76 -12.07 -17.60
C GLY B 78 -36.04 -10.73 -17.77
N PHE B 79 -35.08 -10.43 -16.90
CA PHE B 79 -34.28 -9.20 -16.97
C PHE B 79 -33.32 -9.18 -18.17
N GLU B 80 -33.39 -8.15 -19.01
CA GLU B 80 -32.56 -8.10 -20.22
C GLU B 80 -31.06 -8.27 -19.94
N GLY B 81 -30.57 -7.65 -18.88
CA GLY B 81 -29.16 -7.72 -18.57
C GLY B 81 -28.65 -9.13 -18.30
N THR B 82 -29.52 -10.00 -17.79
CA THR B 82 -29.12 -11.38 -17.58
C THR B 82 -29.48 -12.25 -18.79
N GLU B 83 -30.66 -12.05 -19.37
CA GLU B 83 -31.15 -12.93 -20.45
C GLU B 83 -30.27 -12.86 -21.69
N MET B 84 -29.66 -11.70 -21.97
CA MET B 84 -28.78 -11.57 -23.13
C MET B 84 -27.60 -12.52 -23.10
N TRP B 85 -27.26 -13.06 -21.93
CA TRP B 85 -26.12 -13.96 -21.80
C TRP B 85 -26.53 -15.44 -21.77
N ASN B 86 -27.82 -15.69 -21.58
CA ASN B 86 -28.36 -17.05 -21.44
C ASN B 86 -28.51 -17.80 -22.77
N PRO B 87 -28.49 -19.14 -22.73
CA PRO B 87 -28.61 -19.89 -23.99
C PRO B 87 -29.84 -19.49 -24.83
N ASN B 88 -29.62 -19.33 -26.13
CA ASN B 88 -30.72 -19.01 -27.05
C ASN B 88 -30.95 -20.10 -28.09
N ARG B 89 -30.38 -21.28 -27.83
CA ARG B 89 -30.81 -22.50 -28.50
C ARG B 89 -30.91 -23.50 -27.38
N GLU B 90 -31.51 -24.63 -27.68
CA GLU B 90 -31.66 -25.69 -26.71
C GLU B 90 -30.30 -26.21 -26.29
N LEU B 91 -30.19 -26.62 -25.03
CA LEU B 91 -28.97 -27.22 -24.53
C LEU B 91 -28.79 -28.61 -25.14
N SER B 92 -27.57 -28.93 -25.52
CA SER B 92 -27.25 -30.27 -25.95
C SER B 92 -25.77 -30.55 -25.77
N GLU B 93 -25.43 -31.82 -25.55
CA GLU B 93 -24.02 -32.21 -25.57
C GLU B 93 -23.52 -32.26 -27.00
N ASP B 94 -24.46 -32.37 -27.93
CA ASP B 94 -24.16 -32.32 -29.35
C ASP B 94 -24.04 -30.84 -29.74
N CYS B 95 -22.88 -30.22 -29.50
CA CYS B 95 -22.77 -28.75 -29.65
C CYS B 95 -21.55 -28.24 -30.38
N LEU B 96 -20.72 -29.15 -30.90
CA LEU B 96 -19.46 -28.77 -31.54
C LEU B 96 -19.62 -28.31 -33.00
N TYR B 97 -20.15 -27.10 -33.14
CA TYR B 97 -20.37 -26.48 -34.44
C TYR B 97 -19.69 -25.12 -34.44
N LEU B 98 -19.24 -24.68 -35.61
CA LEU B 98 -18.68 -23.34 -35.75
C LEU B 98 -19.44 -22.57 -36.84
N ASN B 99 -19.21 -21.27 -36.89
CA ASN B 99 -19.90 -20.38 -37.81
C ASN B 99 -18.91 -19.57 -38.60
N VAL B 100 -19.20 -19.33 -39.87
CA VAL B 100 -18.36 -18.50 -40.72
C VAL B 100 -19.21 -17.42 -41.37
N TRP B 101 -18.81 -16.15 -41.23
CA TRP B 101 -19.40 -15.10 -42.04
C TRP B 101 -18.37 -14.59 -43.04
N THR B 102 -18.81 -14.36 -44.27
CA THR B 102 -17.92 -13.86 -45.31
C THR B 102 -18.68 -12.82 -46.12
N PRO B 103 -17.96 -11.92 -46.81
CA PRO B 103 -18.66 -10.92 -47.64
C PRO B 103 -19.40 -11.55 -48.82
N TYR B 104 -20.43 -10.85 -49.29
CA TYR B 104 -21.23 -11.28 -50.43
C TYR B 104 -21.24 -10.16 -51.47
N PRO B 105 -20.56 -10.36 -52.61
CA PRO B 105 -19.93 -11.59 -53.07
C PRO B 105 -18.68 -12.01 -52.30
N ARG B 106 -18.45 -13.31 -52.28
CA ARG B 106 -17.28 -13.89 -51.67
C ARG B 106 -16.00 -13.21 -52.16
N PRO B 107 -15.09 -12.88 -51.22
CA PRO B 107 -13.82 -12.23 -51.55
C PRO B 107 -13.08 -12.95 -52.67
N THR B 108 -12.46 -12.17 -53.55
CA THR B 108 -11.74 -12.75 -54.68
C THR B 108 -10.30 -13.05 -54.28
N SER B 109 -9.69 -12.12 -53.54
CA SER B 109 -8.34 -12.31 -53.00
C SER B 109 -8.43 -12.69 -51.52
N PRO B 110 -7.46 -13.47 -51.01
CA PRO B 110 -7.41 -13.91 -49.60
C PRO B 110 -7.58 -12.78 -48.59
N THR B 111 -8.55 -12.95 -47.70
CA THR B 111 -9.01 -11.92 -46.77
C THR B 111 -8.68 -12.34 -45.33
N PRO B 112 -8.24 -11.39 -44.49
CA PRO B 112 -7.87 -11.71 -43.10
C PRO B 112 -9.05 -12.20 -42.28
N VAL B 113 -8.74 -13.11 -41.36
CA VAL B 113 -9.76 -13.78 -40.57
C VAL B 113 -9.75 -13.38 -39.09
N LEU B 114 -10.93 -13.04 -38.59
CA LEU B 114 -11.14 -12.86 -37.16
C LEU B 114 -11.84 -14.12 -36.60
N VAL B 115 -11.25 -14.73 -35.58
CA VAL B 115 -11.89 -15.85 -34.88
C VAL B 115 -12.34 -15.49 -33.46
N TRP B 116 -13.65 -15.40 -33.23
CA TRP B 116 -14.21 -15.11 -31.91
C TRP B 116 -14.30 -16.31 -30.97
N ILE B 117 -13.93 -16.09 -29.71
CA ILE B 117 -14.04 -17.12 -28.66
C ILE B 117 -14.79 -16.50 -27.49
N TYR B 118 -16.04 -16.92 -27.26
CA TYR B 118 -16.84 -16.33 -26.18
C TYR B 118 -16.31 -16.64 -24.79
N GLY B 119 -16.66 -15.76 -23.84
CA GLY B 119 -16.42 -15.95 -22.42
C GLY B 119 -17.64 -16.45 -21.66
N GLY B 120 -17.60 -16.31 -20.34
CA GLY B 120 -18.64 -16.87 -19.48
C GLY B 120 -18.10 -17.87 -18.47
N GLY B 121 -16.86 -17.64 -18.05
CA GLY B 121 -16.30 -18.25 -16.86
C GLY B 121 -15.92 -19.71 -17.06
N PHE B 122 -15.87 -20.14 -18.31
CA PHE B 122 -15.60 -21.51 -18.69
C PHE B 122 -16.74 -22.45 -18.34
N TYR B 123 -17.85 -21.90 -17.82
CA TYR B 123 -19.03 -22.70 -17.51
C TYR B 123 -20.27 -22.37 -18.34
N SER B 124 -20.21 -21.34 -19.17
CA SER B 124 -21.39 -20.87 -19.91
C SER B 124 -20.94 -20.16 -21.17
N GLY B 125 -21.89 -19.61 -21.92
CA GLY B 125 -21.60 -18.98 -23.20
C GLY B 125 -21.99 -19.81 -24.41
N ALA B 126 -22.06 -19.15 -25.56
CA ALA B 126 -22.35 -19.80 -26.83
C ALA B 126 -22.06 -18.84 -27.97
N SER B 127 -21.72 -19.35 -29.15
CA SER B 127 -21.46 -18.47 -30.28
C SER B 127 -22.73 -17.92 -30.92
N SER B 128 -23.87 -18.43 -30.49
CA SER B 128 -25.14 -18.05 -31.09
C SER B 128 -25.76 -16.78 -30.50
N LEU B 129 -25.22 -16.29 -29.39
CA LEU B 129 -25.80 -15.11 -28.74
C LEU B 129 -25.90 -13.92 -29.71
N ASP B 130 -26.98 -13.15 -29.58
CA ASP B 130 -27.21 -11.98 -30.43
C ASP B 130 -26.06 -11.00 -30.39
N VAL B 131 -25.54 -10.77 -29.22
CA VAL B 131 -24.43 -9.84 -29.05
C VAL B 131 -23.14 -10.26 -29.80
N TYR B 132 -23.04 -11.53 -30.22
CA TYR B 132 -21.85 -12.00 -30.99
C TYR B 132 -22.14 -12.16 -32.47
N ASP B 133 -23.23 -11.59 -32.94
CA ASP B 133 -23.60 -11.65 -34.37
C ASP B 133 -22.49 -11.00 -35.22
N GLY B 134 -21.83 -11.80 -36.04
CA GLY B 134 -20.76 -11.31 -36.87
C GLY B 134 -21.12 -10.60 -38.17
N ARG B 135 -22.41 -10.45 -38.48
CA ARG B 135 -22.81 -9.90 -39.78
C ARG B 135 -22.27 -8.46 -39.96
N PHE B 136 -22.35 -7.65 -38.91
CA PHE B 136 -21.93 -6.23 -39.00
C PHE B 136 -20.43 -6.01 -39.19
N LEU B 137 -19.61 -6.79 -38.50
CA LEU B 137 -18.17 -6.68 -38.67
C LEU B 137 -17.81 -7.01 -40.10
N VAL B 138 -18.36 -8.11 -40.61
CA VAL B 138 -17.99 -8.59 -41.93
C VAL B 138 -18.42 -7.60 -43.00
N GLN B 139 -19.63 -7.07 -42.84
CA GLN B 139 -20.12 -6.03 -43.69
C GLN B 139 -19.26 -4.75 -43.66
N ALA B 140 -19.08 -4.16 -42.48
CA ALA B 140 -18.30 -2.92 -42.35
C ALA B 140 -16.86 -3.04 -42.86
N GLU B 141 -16.20 -4.15 -42.53
CA GLU B 141 -14.74 -4.19 -42.62
C GLU B 141 -14.18 -5.21 -43.58
N ARG B 142 -15.08 -5.98 -44.21
CA ARG B 142 -14.70 -6.98 -45.21
C ARG B 142 -13.65 -7.94 -44.71
N THR B 143 -13.83 -8.44 -43.50
CA THR B 143 -13.03 -9.58 -43.04
C THR B 143 -13.94 -10.81 -43.08
N VAL B 144 -13.33 -11.97 -42.91
CA VAL B 144 -14.08 -13.17 -42.61
C VAL B 144 -14.12 -13.34 -41.10
N LEU B 145 -15.30 -13.60 -40.55
CA LEU B 145 -15.45 -13.85 -39.13
C LEU B 145 -15.82 -15.32 -38.86
N VAL B 146 -15.11 -15.96 -37.94
CA VAL B 146 -15.40 -17.33 -37.51
C VAL B 146 -15.67 -17.35 -36.01
N SER B 147 -16.65 -18.12 -35.58
CA SER B 147 -16.85 -18.31 -34.15
C SER B 147 -17.23 -19.76 -33.92
N MET B 148 -16.84 -20.30 -32.77
CA MET B 148 -17.09 -21.71 -32.50
C MET B 148 -17.72 -21.91 -31.13
N ASN B 149 -18.50 -22.99 -31.02
CA ASN B 149 -18.86 -23.50 -29.71
C ASN B 149 -17.78 -24.41 -29.17
N TYR B 150 -17.59 -24.41 -27.86
CA TYR B 150 -16.68 -25.32 -27.21
C TYR B 150 -17.35 -25.73 -25.90
N ARG B 151 -17.03 -26.93 -25.43
CA ARG B 151 -17.66 -27.46 -24.23
C ARG B 151 -17.25 -26.66 -23.01
N VAL B 152 -18.21 -26.43 -22.12
CA VAL B 152 -17.98 -25.68 -20.90
C VAL B 152 -18.43 -26.50 -19.67
N GLY B 153 -18.20 -25.95 -18.49
CA GLY B 153 -18.52 -26.66 -17.26
C GLY B 153 -17.76 -27.97 -17.15
N ALA B 154 -18.36 -28.94 -16.46
CA ALA B 154 -17.69 -30.22 -16.31
C ALA B 154 -17.47 -30.89 -17.66
N PHE B 155 -18.37 -30.63 -18.61
CA PHE B 155 -18.27 -31.28 -19.94
C PHE B 155 -17.01 -30.86 -20.65
N GLY B 156 -16.54 -29.64 -20.33
CA GLY B 156 -15.36 -29.12 -20.99
C GLY B 156 -14.08 -29.17 -20.19
N PHE B 157 -14.19 -29.19 -18.86
CA PHE B 157 -13.03 -28.94 -18.03
C PHE B 157 -12.94 -29.77 -16.76
N LEU B 158 -13.78 -30.80 -16.63
CA LEU B 158 -13.63 -31.69 -15.50
C LEU B 158 -12.37 -32.47 -15.78
N ALA B 159 -11.50 -32.58 -14.77
CA ALA B 159 -10.22 -33.25 -14.98
C ALA B 159 -9.94 -34.24 -13.85
N LEU B 160 -9.57 -35.45 -14.22
CA LEU B 160 -8.94 -36.35 -13.28
C LEU B 160 -7.56 -36.53 -13.87
N PRO B 161 -6.63 -35.64 -13.51
CA PRO B 161 -5.35 -35.58 -14.22
C PRO B 161 -4.57 -36.89 -14.18
N GLY B 162 -3.91 -37.19 -15.28
CA GLY B 162 -3.21 -38.45 -15.46
C GLY B 162 -4.07 -39.47 -16.20
N SER B 163 -5.37 -39.45 -15.95
CA SER B 163 -6.29 -40.43 -16.54
C SER B 163 -6.57 -40.21 -18.03
N ARG B 164 -6.85 -41.30 -18.73
CA ARG B 164 -7.16 -41.22 -20.16
C ARG B 164 -8.60 -40.80 -20.39
N GLU B 165 -9.44 -41.07 -19.41
CA GLU B 165 -10.87 -40.97 -19.59
C GLU B 165 -11.44 -39.57 -19.30
N ALA B 166 -10.64 -38.75 -18.60
CA ALA B 166 -11.04 -37.37 -18.35
C ALA B 166 -9.78 -36.56 -18.12
N PRO B 167 -9.01 -36.34 -19.19
CA PRO B 167 -7.69 -35.71 -19.08
C PRO B 167 -7.73 -34.23 -18.73
N GLY B 168 -8.91 -33.62 -18.84
CA GLY B 168 -9.04 -32.18 -18.66
C GLY B 168 -8.74 -31.36 -19.91
N ASN B 169 -9.13 -30.10 -19.89
CA ASN B 169 -8.85 -29.16 -20.98
C ASN B 169 -9.49 -29.46 -22.34
N VAL B 170 -10.49 -30.34 -22.39
CA VAL B 170 -11.07 -30.68 -23.69
C VAL B 170 -11.83 -29.52 -24.35
N GLY B 171 -12.39 -28.63 -23.54
CA GLY B 171 -12.96 -27.40 -24.08
C GLY B 171 -11.92 -26.57 -24.86
N LEU B 172 -10.69 -26.56 -24.38
CA LEU B 172 -9.63 -25.84 -25.06
C LEU B 172 -9.24 -26.62 -26.33
N LEU B 173 -9.21 -27.95 -26.22
CA LEU B 173 -9.02 -28.79 -27.41
C LEU B 173 -10.14 -28.60 -28.44
N ASP B 174 -11.37 -28.38 -28.00
CA ASP B 174 -12.46 -28.05 -28.93
C ASP B 174 -12.10 -26.80 -29.70
N GLN B 175 -11.69 -25.77 -28.97
CA GLN B 175 -11.23 -24.53 -29.57
C GLN B 175 -10.10 -24.75 -30.55
N ARG B 176 -9.11 -25.54 -30.15
CA ARG B 176 -7.99 -25.83 -31.04
C ARG B 176 -8.41 -26.54 -32.31
N LEU B 177 -9.35 -27.48 -32.21
CA LEU B 177 -9.80 -28.23 -33.38
C LEU B 177 -10.49 -27.26 -34.36
N ALA B 178 -11.30 -26.36 -33.82
CA ALA B 178 -11.90 -25.31 -34.64
C ALA B 178 -10.86 -24.48 -35.42
N LEU B 179 -9.73 -24.19 -34.77
CA LEU B 179 -8.65 -23.40 -35.37
C LEU B 179 -7.95 -24.21 -36.46
N GLN B 180 -7.70 -25.48 -36.22
CA GLN B 180 -7.25 -26.36 -37.31
C GLN B 180 -8.21 -26.36 -38.49
N TRP B 181 -9.50 -26.39 -38.19
CA TRP B 181 -10.53 -26.36 -39.23
C TRP B 181 -10.41 -25.07 -40.04
N VAL B 182 -10.17 -23.95 -39.35
CA VAL B 182 -9.93 -22.66 -40.01
C VAL B 182 -8.71 -22.71 -40.95
N GLN B 183 -7.61 -23.26 -40.48
CA GLN B 183 -6.44 -23.44 -41.34
C GLN B 183 -6.80 -24.27 -42.58
N GLU B 184 -7.44 -25.42 -42.38
CA GLU B 184 -7.73 -26.30 -43.50
C GLU B 184 -8.80 -25.76 -44.45
N ASN B 185 -9.74 -24.95 -43.96
CA ASN B 185 -10.95 -24.68 -44.72
C ASN B 185 -11.36 -23.24 -44.99
N VAL B 186 -10.75 -22.28 -44.31
CA VAL B 186 -11.25 -20.91 -44.39
C VAL B 186 -10.99 -20.32 -45.78
N ALA B 187 -10.02 -20.89 -46.49
CA ALA B 187 -9.69 -20.41 -47.84
C ALA B 187 -10.88 -20.63 -48.76
N ALA B 188 -11.60 -21.73 -48.55
CA ALA B 188 -12.80 -22.02 -49.34
C ALA B 188 -13.85 -20.92 -49.24
N PHE B 189 -13.78 -20.11 -48.17
CA PHE B 189 -14.72 -19.01 -48.01
C PHE B 189 -14.08 -17.67 -48.41
N GLY B 190 -12.86 -17.72 -48.93
CA GLY B 190 -12.15 -16.51 -49.32
C GLY B 190 -11.26 -15.94 -48.22
N GLY B 191 -11.07 -16.72 -47.17
CA GLY B 191 -10.27 -16.30 -46.05
C GLY B 191 -8.80 -16.64 -46.21
N ASP B 192 -7.96 -15.89 -45.53
CA ASP B 192 -6.53 -16.10 -45.56
C ASP B 192 -6.07 -16.83 -44.31
N PRO B 193 -5.68 -18.10 -44.46
CA PRO B 193 -5.18 -18.87 -43.31
C PRO B 193 -3.82 -18.39 -42.79
N THR B 194 -3.20 -17.43 -43.48
CA THR B 194 -1.91 -16.89 -43.06
C THR B 194 -2.08 -15.55 -42.33
N SER B 195 -3.33 -15.09 -42.24
CA SER B 195 -3.68 -13.92 -41.47
C SER B 195 -4.89 -14.20 -40.54
N VAL B 196 -4.62 -14.92 -39.46
CA VAL B 196 -5.67 -15.24 -38.51
C VAL B 196 -5.45 -14.61 -37.13
N THR B 197 -6.42 -13.77 -36.75
CA THR B 197 -6.43 -13.04 -35.49
C THR B 197 -7.50 -13.56 -34.53
N LEU B 198 -7.08 -14.16 -33.41
CA LEU B 198 -8.03 -14.60 -32.39
C LEU B 198 -8.50 -13.43 -31.54
N PHE B 199 -9.77 -13.45 -31.14
CA PHE B 199 -10.19 -12.49 -30.15
C PHE B 199 -11.24 -13.09 -29.23
N GLY B 200 -11.21 -12.71 -27.96
CA GLY B 200 -12.15 -13.20 -26.98
C GLY B 200 -12.27 -12.27 -25.80
N GLU B 201 -13.33 -12.45 -25.03
CA GLU B 201 -13.56 -11.63 -23.86
C GLU B 201 -13.74 -12.58 -22.67
N SER B 202 -13.40 -12.11 -21.47
CA SER B 202 -13.27 -12.92 -20.23
C SER B 202 -12.63 -14.30 -20.43
N ALA B 203 -13.35 -15.38 -20.15
CA ALA B 203 -12.79 -16.72 -20.39
C ALA B 203 -12.30 -16.93 -21.81
N GLY B 204 -12.93 -16.24 -22.77
CA GLY B 204 -12.48 -16.30 -24.15
C GLY B 204 -11.11 -15.64 -24.31
N ALA B 205 -10.91 -14.51 -23.63
CA ALA B 205 -9.62 -13.82 -23.63
C ALA B 205 -8.55 -14.70 -22.97
N ALA B 206 -8.91 -15.28 -21.83
CA ALA B 206 -8.02 -16.24 -21.17
C ALA B 206 -7.68 -17.41 -22.10
N SER B 207 -8.68 -17.93 -22.83
CA SER B 207 -8.45 -19.02 -23.78
C SER B 207 -7.48 -18.55 -24.85
N VAL B 208 -7.71 -17.35 -25.38
CA VAL B 208 -6.81 -16.78 -26.38
C VAL B 208 -5.37 -16.81 -25.86
N GLY B 209 -5.14 -16.24 -24.67
CA GLY B 209 -3.85 -16.32 -23.99
C GLY B 209 -3.27 -17.72 -23.85
N MET B 210 -4.10 -18.70 -23.47
CA MET B 210 -3.63 -20.08 -23.42
C MET B 210 -3.20 -20.63 -24.77
N HIS B 211 -3.87 -20.21 -25.84
CA HIS B 211 -3.42 -20.64 -27.17
C HIS B 211 -2.06 -20.02 -27.50
N LEU B 212 -1.82 -18.78 -27.07
CA LEU B 212 -0.51 -18.14 -27.18
C LEU B 212 0.58 -18.96 -26.49
N LEU B 213 0.26 -19.54 -25.33
CA LEU B 213 1.25 -20.18 -24.46
C LEU B 213 1.41 -21.67 -24.71
N SER B 214 0.70 -22.19 -25.70
CA SER B 214 0.71 -23.62 -25.98
C SER B 214 1.09 -23.82 -27.44
N PRO B 215 2.32 -24.31 -27.71
CA PRO B 215 2.90 -24.38 -29.06
C PRO B 215 2.02 -25.05 -30.14
N PRO B 216 1.34 -26.18 -29.84
CA PRO B 216 0.56 -26.71 -30.95
C PRO B 216 -0.58 -25.77 -31.37
N SER B 217 -1.03 -24.90 -30.47
CA SER B 217 -2.06 -23.91 -30.82
C SER B 217 -1.43 -22.74 -31.52
N ARG B 218 -0.16 -22.49 -31.21
CA ARG B 218 0.46 -21.22 -31.56
C ARG B 218 0.68 -21.10 -33.06
N GLY B 219 0.84 -22.24 -33.72
CA GLY B 219 0.98 -22.28 -35.17
C GLY B 219 -0.27 -21.93 -35.95
N LEU B 220 -1.42 -21.89 -35.27
CA LEU B 220 -2.69 -21.75 -35.96
C LEU B 220 -3.19 -20.31 -36.09
N PHE B 221 -2.46 -19.34 -35.49
CA PHE B 221 -2.86 -17.94 -35.66
C PHE B 221 -1.65 -17.00 -35.64
N HIS B 222 -1.93 -15.73 -35.88
CA HIS B 222 -0.87 -14.74 -36.07
C HIS B 222 -0.91 -13.58 -35.09
N ARG B 223 -2.10 -13.26 -34.61
CA ARG B 223 -2.30 -12.15 -33.71
C ARG B 223 -3.39 -12.51 -32.74
N ALA B 224 -3.45 -11.74 -31.66
CA ALA B 224 -4.37 -12.02 -30.57
C ALA B 224 -4.94 -10.72 -30.00
N VAL B 225 -6.20 -10.81 -29.59
CA VAL B 225 -6.89 -9.73 -28.87
C VAL B 225 -7.48 -10.35 -27.59
N LEU B 226 -7.13 -9.80 -26.43
CA LEU B 226 -7.66 -10.27 -25.17
C LEU B 226 -8.43 -9.15 -24.54
N GLN B 227 -9.74 -9.30 -24.49
CA GLN B 227 -10.61 -8.30 -23.89
C GLN B 227 -11.03 -8.73 -22.49
N SER B 228 -10.67 -7.93 -21.48
CA SER B 228 -11.04 -8.19 -20.10
C SER B 228 -10.78 -9.63 -19.61
N GLY B 229 -9.63 -10.18 -19.96
CA GLY B 229 -9.28 -11.50 -19.47
C GLY B 229 -7.86 -11.85 -19.84
N ALA B 230 -7.28 -12.80 -19.11
CA ALA B 230 -5.88 -13.15 -19.26
C ALA B 230 -5.71 -14.54 -18.72
N PRO B 231 -4.84 -15.33 -19.36
CA PRO B 231 -4.68 -16.73 -18.96
C PRO B 231 -4.06 -16.84 -17.58
N ASN B 232 -3.39 -15.78 -17.11
CA ASN B 232 -2.80 -15.74 -15.77
C ASN B 232 -3.76 -15.27 -14.69
N GLY B 233 -4.99 -14.90 -15.06
CA GLY B 233 -6.00 -14.63 -14.05
C GLY B 233 -6.12 -15.73 -12.99
N PRO B 234 -6.25 -15.34 -11.70
CA PRO B 234 -6.41 -16.31 -10.59
C PRO B 234 -7.65 -17.24 -10.68
N TRP B 235 -8.59 -16.93 -11.57
CA TRP B 235 -9.81 -17.73 -11.74
C TRP B 235 -9.67 -18.67 -12.93
N ALA B 236 -8.65 -18.46 -13.76
CA ALA B 236 -8.61 -19.04 -15.09
C ALA B 236 -7.97 -20.41 -15.19
N THR B 237 -7.21 -20.81 -14.17
CA THR B 237 -6.65 -22.14 -14.17
C THR B 237 -6.72 -22.66 -12.76
N VAL B 238 -6.60 -23.98 -12.61
CA VAL B 238 -6.40 -24.60 -11.29
C VAL B 238 -5.26 -25.60 -11.42
N GLY B 239 -4.64 -25.98 -10.30
CA GLY B 239 -3.68 -27.06 -10.32
C GLY B 239 -4.34 -28.43 -10.40
N MET B 240 -3.52 -29.47 -10.59
CA MET B 240 -4.03 -30.82 -10.79
C MET B 240 -4.77 -31.35 -9.56
N GLY B 241 -4.23 -31.08 -8.38
CA GLY B 241 -4.86 -31.55 -7.16
C GLY B 241 -6.22 -30.91 -6.92
N GLU B 242 -6.31 -29.59 -7.13
CA GLU B 242 -7.59 -28.92 -6.96
C GLU B 242 -8.61 -29.40 -8.02
N ALA B 243 -8.17 -29.64 -9.24
CA ALA B 243 -9.07 -30.10 -10.28
C ALA B 243 -9.57 -31.50 -9.92
N ARG B 244 -8.66 -32.35 -9.44
CA ARG B 244 -9.06 -33.68 -9.00
C ARG B 244 -10.06 -33.63 -7.86
N ARG B 245 -9.80 -32.76 -6.90
CA ARG B 245 -10.68 -32.63 -5.76
C ARG B 245 -12.10 -32.26 -6.20
N ARG B 246 -12.18 -31.28 -7.12
CA ARG B 246 -13.44 -30.81 -7.66
C ARG B 246 -14.16 -31.91 -8.50
N ALA B 247 -13.41 -32.64 -9.31
CA ALA B 247 -13.98 -33.69 -10.13
C ALA B 247 -14.61 -34.69 -9.17
N THR B 248 -13.82 -35.06 -8.16
CA THR B 248 -14.21 -36.09 -7.23
C THR B 248 -15.42 -35.67 -6.39
N GLN B 249 -15.48 -34.41 -5.98
N GLN B 249 -15.49 -34.41 -5.99
CA GLN B 249 -16.65 -33.94 -5.23
CA GLN B 249 -16.66 -33.97 -5.23
C GLN B 249 -17.93 -33.98 -6.09
C GLN B 249 -17.93 -33.94 -6.08
N LEU B 250 -17.80 -33.62 -7.36
CA LEU B 250 -18.92 -33.64 -8.28
C LEU B 250 -19.44 -35.08 -8.36
N ALA B 251 -18.54 -36.02 -8.65
CA ALA B 251 -18.91 -37.41 -8.80
C ALA B 251 -19.60 -37.88 -7.53
N HIS B 252 -19.05 -37.49 -6.39
CA HIS B 252 -19.62 -37.88 -5.12
C HIS B 252 -21.02 -37.30 -4.93
N LEU B 253 -21.23 -36.05 -5.36
CA LEU B 253 -22.55 -35.42 -5.25
C LEU B 253 -23.64 -36.06 -6.13
N VAL B 254 -23.25 -36.85 -7.12
CA VAL B 254 -24.21 -37.49 -8.00
C VAL B 254 -24.12 -39.01 -7.89
N GLY B 255 -23.52 -39.47 -6.78
CA GLY B 255 -23.47 -40.88 -6.45
C GLY B 255 -22.41 -41.74 -7.12
N CYS B 256 -21.30 -41.16 -7.53
CA CYS B 256 -20.21 -41.94 -8.12
C CYS B 256 -18.95 -41.77 -7.28
N PRO B 257 -18.30 -42.88 -6.89
CA PRO B 257 -18.79 -44.23 -7.18
C PRO B 257 -19.85 -44.56 -6.13
N PRO B 258 -20.70 -45.57 -6.41
CA PRO B 258 -21.72 -46.01 -5.43
C PRO B 258 -21.08 -46.66 -4.21
N THR B 261 -16.57 -42.60 -2.91
CA THR B 261 -15.66 -41.47 -3.21
C THR B 261 -14.31 -41.90 -3.80
N GLY B 262 -13.94 -41.31 -4.94
CA GLY B 262 -12.68 -41.63 -5.58
C GLY B 262 -12.65 -42.99 -6.25
N GLY B 263 -11.58 -43.76 -6.04
CA GLY B 263 -11.44 -45.10 -6.61
C GLY B 263 -10.75 -45.11 -7.96
N ASN B 264 -10.97 -46.19 -8.74
CA ASN B 264 -10.48 -46.29 -10.13
C ASN B 264 -11.03 -45.09 -10.89
N ASP B 265 -10.14 -44.35 -11.57
CA ASP B 265 -10.59 -43.22 -12.38
C ASP B 265 -11.50 -43.67 -13.54
N THR B 266 -11.09 -44.74 -14.23
CA THR B 266 -11.88 -45.33 -15.32
C THR B 266 -13.31 -45.63 -14.88
N GLU B 267 -13.45 -46.17 -13.68
CA GLU B 267 -14.76 -46.48 -13.12
C GLU B 267 -15.53 -45.23 -12.76
N LEU B 268 -14.85 -44.25 -12.13
CA LEU B 268 -15.51 -43.04 -11.68
C LEU B 268 -16.08 -42.33 -12.89
N VAL B 269 -15.29 -42.28 -13.94
CA VAL B 269 -15.71 -41.58 -15.14
C VAL B 269 -16.87 -42.30 -15.81
N ALA B 270 -16.79 -43.63 -15.87
CA ALA B 270 -17.85 -44.42 -16.50
C ALA B 270 -19.14 -44.15 -15.74
N CYS B 271 -19.07 -44.09 -14.42
CA CYS B 271 -20.27 -43.76 -13.66
C CYS B 271 -20.75 -42.33 -13.98
N LEU B 272 -19.83 -41.38 -14.17
CA LEU B 272 -20.25 -40.00 -14.47
C LEU B 272 -20.93 -39.95 -15.84
N ARG B 273 -20.42 -40.73 -16.78
CA ARG B 273 -20.99 -40.84 -18.13
C ARG B 273 -22.46 -41.32 -18.19
N THR B 274 -22.93 -41.98 -17.13
CA THR B 274 -24.30 -42.48 -17.13
C THR B 274 -25.28 -41.46 -16.55
N ARG B 275 -24.75 -40.39 -15.99
CA ARG B 275 -25.61 -39.34 -15.44
C ARG B 275 -26.15 -38.41 -16.54
N PRO B 276 -27.43 -38.02 -16.45
CA PRO B 276 -27.92 -37.06 -17.45
C PRO B 276 -27.17 -35.74 -17.30
N ALA B 277 -26.88 -35.11 -18.44
CA ALA B 277 -26.18 -33.83 -18.48
C ALA B 277 -26.69 -32.87 -17.43
N GLN B 278 -28.02 -32.76 -17.32
CA GLN B 278 -28.61 -31.77 -16.42
C GLN B 278 -28.33 -32.07 -14.96
N VAL B 279 -28.13 -33.34 -14.66
CA VAL B 279 -27.82 -33.73 -13.28
C VAL B 279 -26.47 -33.15 -12.86
N LEU B 280 -25.47 -33.25 -13.74
CA LEU B 280 -24.18 -32.66 -13.48
C LEU B 280 -24.31 -31.13 -13.30
N VAL B 281 -24.95 -30.48 -14.28
CA VAL B 281 -25.20 -29.04 -14.25
C VAL B 281 -25.81 -28.54 -12.94
N ASN B 282 -26.74 -29.28 -12.35
CA ASN B 282 -27.38 -28.82 -11.12
C ASN B 282 -26.46 -28.74 -9.92
N HIS B 283 -25.31 -29.42 -9.98
CA HIS B 283 -24.41 -29.46 -8.81
C HIS B 283 -23.18 -28.62 -9.02
N GLU B 284 -23.09 -28.01 -10.18
CA GLU B 284 -21.89 -27.33 -10.63
C GLU B 284 -21.28 -26.38 -9.62
N TRP B 285 -22.05 -25.38 -9.21
CA TRP B 285 -21.59 -24.40 -8.22
C TRP B 285 -21.14 -24.98 -6.88
N HIS B 286 -21.64 -26.17 -6.53
CA HIS B 286 -21.40 -26.80 -5.24
C HIS B 286 -20.00 -27.37 -4.98
N VAL B 287 -19.09 -27.33 -5.93
CA VAL B 287 -17.79 -27.95 -5.64
C VAL B 287 -16.69 -26.96 -5.28
N LEU B 288 -17.00 -25.67 -5.37
CA LEU B 288 -16.01 -24.65 -5.02
C LEU B 288 -15.68 -24.74 -3.53
N PRO B 289 -14.39 -24.60 -3.20
CA PRO B 289 -13.84 -24.75 -1.85
C PRO B 289 -14.35 -23.73 -0.83
N GLN B 290 -14.61 -22.49 -1.24
CA GLN B 290 -15.19 -21.53 -0.31
C GLN B 290 -16.23 -20.67 -1.03
N GLU B 291 -17.02 -19.94 -0.25
CA GLU B 291 -17.97 -18.98 -0.79
C GLU B 291 -17.11 -17.92 -1.48
N SER B 292 -17.45 -17.52 -2.70
CA SER B 292 -16.55 -16.66 -3.45
C SER B 292 -17.24 -15.87 -4.57
N VAL B 293 -16.53 -14.91 -5.15
CA VAL B 293 -17.00 -14.24 -6.36
C VAL B 293 -15.91 -14.35 -7.40
N PHE B 294 -16.30 -14.28 -8.67
CA PHE B 294 -15.38 -14.47 -9.78
C PHE B 294 -14.59 -15.79 -9.65
N ARG B 295 -15.24 -16.86 -9.20
CA ARG B 295 -14.62 -18.20 -9.21
C ARG B 295 -15.55 -19.21 -9.88
N PHE B 296 -14.96 -20.14 -10.61
CA PHE B 296 -15.73 -21.09 -11.43
C PHE B 296 -15.17 -22.49 -11.25
N SER B 297 -16.07 -23.46 -11.18
CA SER B 297 -15.73 -24.81 -10.73
C SER B 297 -14.75 -25.53 -11.64
N PHE B 298 -15.02 -25.49 -12.93
CA PHE B 298 -14.26 -26.30 -13.87
C PHE B 298 -13.65 -25.40 -14.90
N VAL B 299 -12.34 -25.27 -14.82
CA VAL B 299 -11.58 -24.33 -15.63
C VAL B 299 -10.35 -25.07 -16.14
N PRO B 300 -9.60 -24.47 -17.08
CA PRO B 300 -8.39 -25.17 -17.51
C PRO B 300 -7.46 -25.58 -16.34
N VAL B 301 -6.80 -26.71 -16.53
CA VAL B 301 -5.97 -27.28 -15.49
C VAL B 301 -4.53 -27.27 -15.97
N VAL B 302 -3.61 -26.89 -15.08
CA VAL B 302 -2.20 -26.88 -15.40
C VAL B 302 -1.69 -28.30 -15.20
N ASP B 303 -1.47 -29.03 -16.28
CA ASP B 303 -1.12 -30.44 -16.12
C ASP B 303 0.12 -30.89 -16.89
N GLY B 304 0.84 -29.94 -17.46
CA GLY B 304 2.03 -30.29 -18.21
C GLY B 304 1.74 -30.55 -19.67
N ASP B 305 0.48 -30.79 -20.01
CA ASP B 305 0.12 -31.14 -21.39
C ASP B 305 -0.23 -29.92 -22.23
N PHE B 306 -1.49 -29.49 -22.22
CA PHE B 306 -1.87 -28.27 -22.94
C PHE B 306 -1.01 -27.09 -22.46
N LEU B 307 -0.91 -26.93 -21.14
CA LEU B 307 -0.06 -25.94 -20.47
C LEU B 307 1.09 -26.66 -19.75
N SER B 308 2.29 -26.53 -20.30
CA SER B 308 3.46 -27.24 -19.77
C SER B 308 3.87 -26.73 -18.38
N ASP B 309 3.42 -25.53 -18.04
CA ASP B 309 3.65 -24.92 -16.74
C ASP B 309 2.52 -23.92 -16.55
N THR B 310 2.49 -23.26 -15.39
CA THR B 310 1.52 -22.23 -15.12
C THR B 310 1.64 -21.16 -16.20
N PRO B 311 0.53 -20.48 -16.50
CA PRO B 311 0.58 -19.40 -17.50
C PRO B 311 1.55 -18.29 -17.06
N GLU B 312 1.63 -18.09 -15.75
CA GLU B 312 2.58 -17.13 -15.18
C GLU B 312 4.01 -17.45 -15.64
N ALA B 313 4.49 -18.65 -15.35
CA ALA B 313 5.80 -19.11 -15.78
C ALA B 313 6.01 -19.08 -17.30
N LEU B 314 4.97 -19.38 -18.08
CA LEU B 314 5.13 -19.41 -19.54
C LEU B 314 5.22 -18.02 -20.11
N ILE B 315 4.44 -17.12 -19.54
CA ILE B 315 4.52 -15.73 -19.91
C ILE B 315 5.93 -15.20 -19.63
N ASN B 316 6.50 -15.55 -18.47
CA ASN B 316 7.81 -15.03 -18.08
C ASN B 316 8.97 -15.56 -18.92
N ALA B 317 8.83 -16.80 -19.37
CA ALA B 317 9.91 -17.50 -20.03
C ALA B 317 9.81 -17.45 -21.54
N GLY B 318 8.78 -16.78 -22.06
CA GLY B 318 8.50 -16.87 -23.48
C GLY B 318 9.14 -15.80 -24.35
N ASP B 319 9.39 -16.16 -25.61
CA ASP B 319 9.86 -15.20 -26.61
C ASP B 319 8.67 -14.83 -27.47
N PHE B 320 8.34 -13.56 -27.51
CA PHE B 320 7.14 -13.13 -28.20
C PHE B 320 7.42 -12.23 -29.38
N HIS B 321 8.63 -12.37 -29.94
CA HIS B 321 8.95 -11.64 -31.16
C HIS B 321 8.06 -12.16 -32.30
N GLY B 322 7.61 -11.24 -33.15
CA GLY B 322 6.76 -11.58 -34.27
C GLY B 322 5.26 -11.50 -33.96
N LEU B 323 4.93 -11.18 -32.70
CA LEU B 323 3.56 -11.21 -32.23
C LEU B 323 3.01 -9.82 -32.02
N GLN B 324 1.81 -9.54 -32.51
CA GLN B 324 1.08 -8.34 -32.08
C GLN B 324 -0.13 -8.72 -31.23
N VAL B 325 -0.34 -7.98 -30.15
CA VAL B 325 -1.42 -8.28 -29.24
C VAL B 325 -2.15 -7.01 -28.92
N LEU B 326 -3.47 -7.08 -28.87
CA LEU B 326 -4.29 -5.97 -28.42
C LEU B 326 -5.05 -6.39 -27.15
N VAL B 327 -4.95 -5.62 -26.07
CA VAL B 327 -5.50 -6.01 -24.77
C VAL B 327 -6.21 -4.83 -24.16
N GLY B 328 -7.15 -5.10 -23.27
CA GLY B 328 -7.87 -4.01 -22.65
C GLY B 328 -8.87 -4.47 -21.63
N VAL B 329 -9.50 -3.50 -20.98
CA VAL B 329 -10.39 -3.77 -19.89
C VAL B 329 -11.52 -2.77 -20.01
N VAL B 330 -12.64 -3.03 -19.36
CA VAL B 330 -13.69 -2.02 -19.26
C VAL B 330 -13.40 -1.14 -18.03
N LYS B 331 -14.17 -0.07 -17.88
CA LYS B 331 -13.96 0.88 -16.81
C LYS B 331 -14.28 0.32 -15.42
N ASP B 332 -15.27 -0.55 -15.33
CA ASP B 332 -15.65 -1.09 -14.02
C ASP B 332 -15.68 -2.61 -14.02
N GLU B 333 -14.49 -3.20 -14.07
CA GLU B 333 -14.34 -4.64 -14.21
C GLU B 333 -15.02 -5.46 -13.11
N GLY B 334 -15.02 -4.95 -11.89
CA GLY B 334 -15.48 -5.74 -10.76
C GLY B 334 -16.95 -5.68 -10.39
N SER B 335 -17.66 -4.66 -10.86
CA SER B 335 -19.00 -4.40 -10.33
C SER B 335 -20.01 -5.56 -10.57
N TYR B 336 -20.02 -6.08 -11.79
CA TYR B 336 -20.94 -7.15 -12.19
C TYR B 336 -20.88 -8.30 -11.21
N PHE B 337 -19.65 -8.64 -10.81
CA PHE B 337 -19.41 -9.81 -9.99
C PHE B 337 -19.93 -9.69 -8.58
N LEU B 338 -20.01 -8.46 -8.09
CA LEU B 338 -20.43 -8.19 -6.71
C LEU B 338 -21.91 -8.54 -6.46
N VAL B 339 -22.77 -8.34 -7.45
CA VAL B 339 -24.16 -8.71 -7.27
C VAL B 339 -24.33 -10.22 -7.31
N TYR B 340 -23.30 -10.94 -7.72
CA TYR B 340 -23.39 -12.39 -7.70
C TYR B 340 -22.62 -13.00 -6.53
N GLY B 341 -22.70 -12.40 -5.36
CA GLY B 341 -22.09 -13.04 -4.21
C GLY B 341 -21.57 -12.22 -3.07
N ALA B 342 -21.38 -10.92 -3.25
CA ALA B 342 -20.88 -10.10 -2.14
C ALA B 342 -22.04 -9.56 -1.29
N PRO B 343 -21.92 -9.68 0.05
CA PRO B 343 -22.97 -9.22 0.97
C PRO B 343 -23.31 -7.75 0.80
N GLY B 344 -24.61 -7.46 0.70
CA GLY B 344 -25.12 -6.10 0.62
C GLY B 344 -25.35 -5.60 -0.80
N PHE B 345 -25.01 -6.41 -1.79
CA PHE B 345 -25.12 -5.97 -3.18
C PHE B 345 -26.41 -6.41 -3.85
N SER B 346 -26.96 -5.52 -4.69
CA SER B 346 -28.15 -5.84 -5.48
C SER B 346 -28.16 -4.95 -6.71
N LYS B 347 -28.69 -5.43 -7.82
CA LYS B 347 -28.93 -4.52 -8.95
C LYS B 347 -30.10 -3.56 -8.61
N ASP B 348 -30.86 -3.89 -7.56
CA ASP B 348 -32.11 -3.18 -7.30
C ASP B 348 -32.03 -2.16 -6.18
N ASN B 349 -30.84 -1.94 -5.63
CA ASN B 349 -30.61 -0.79 -4.76
C ASN B 349 -29.22 -0.22 -5.05
N GLU B 350 -28.79 0.76 -4.26
CA GLU B 350 -27.54 1.44 -4.51
C GLU B 350 -26.33 0.64 -4.00
N SER B 351 -26.59 -0.48 -3.35
CA SER B 351 -25.54 -1.33 -2.79
C SER B 351 -24.50 -0.51 -2.00
N LEU B 352 -24.99 0.37 -1.13
CA LEU B 352 -24.16 1.17 -0.25
C LEU B 352 -23.79 0.37 1.00
N ILE B 353 -22.71 -0.39 0.91
CA ILE B 353 -22.35 -1.32 1.97
C ILE B 353 -21.68 -0.67 3.22
N SER B 354 -21.79 -1.36 4.35
CA SER B 354 -21.14 -0.97 5.58
C SER B 354 -19.70 -1.45 5.54
N ARG B 355 -18.92 -0.99 6.51
CA ARG B 355 -17.54 -1.41 6.66
C ARG B 355 -17.50 -2.90 6.89
N ALA B 356 -18.43 -3.41 7.69
CA ALA B 356 -18.42 -4.82 7.99
C ALA B 356 -18.75 -5.64 6.73
N GLU B 357 -19.67 -5.15 5.92
CA GLU B 357 -19.98 -5.81 4.67
C GLU B 357 -18.78 -5.73 3.72
N PHE B 358 -18.01 -4.63 3.82
CA PHE B 358 -16.80 -4.49 3.02
C PHE B 358 -15.74 -5.51 3.39
N LEU B 359 -15.51 -5.71 4.68
CA LEU B 359 -14.51 -6.68 5.12
C LEU B 359 -14.91 -8.07 4.72
N ALA B 360 -16.20 -8.37 4.82
CA ALA B 360 -16.68 -9.68 4.48
C ALA B 360 -16.59 -9.86 2.97
N GLY B 361 -16.81 -8.79 2.22
CA GLY B 361 -16.75 -8.86 0.77
C GLY B 361 -15.32 -9.14 0.33
N VAL B 362 -14.34 -8.65 1.09
CA VAL B 362 -12.94 -8.87 0.76
C VAL B 362 -12.56 -10.36 0.81
N ARG B 363 -13.05 -11.06 1.83
CA ARG B 363 -12.82 -12.51 1.96
C ARG B 363 -13.38 -13.31 0.79
N VAL B 364 -14.56 -12.92 0.35
CA VAL B 364 -15.27 -13.55 -0.75
C VAL B 364 -14.62 -13.15 -2.08
N GLY B 365 -14.18 -11.90 -2.16
CA GLY B 365 -13.56 -11.36 -3.37
C GLY B 365 -12.13 -11.86 -3.57
N VAL B 366 -11.49 -12.27 -2.50
CA VAL B 366 -10.12 -12.76 -2.58
C VAL B 366 -10.05 -14.07 -1.82
N PRO B 367 -10.66 -15.12 -2.40
CA PRO B 367 -10.80 -16.37 -1.68
C PRO B 367 -9.49 -17.14 -1.55
N GLN B 368 -9.41 -17.92 -0.49
CA GLN B 368 -8.30 -18.84 -0.31
C GLN B 368 -6.93 -18.16 -0.25
N VAL B 369 -6.86 -17.01 0.39
CA VAL B 369 -5.58 -16.45 0.79
C VAL B 369 -5.54 -16.40 2.32
N SER B 370 -4.35 -16.23 2.88
CA SER B 370 -4.17 -16.14 4.33
C SER B 370 -4.89 -14.91 4.89
N ASP B 371 -5.20 -14.93 6.19
CA ASP B 371 -5.69 -13.72 6.88
C ASP B 371 -4.75 -12.53 6.68
N LEU B 372 -3.45 -12.77 6.74
CA LEU B 372 -2.50 -11.67 6.56
C LEU B 372 -2.66 -11.04 5.19
N ALA B 373 -2.81 -11.88 4.17
CA ALA B 373 -3.01 -11.43 2.80
C ALA B 373 -4.28 -10.59 2.69
N ALA B 374 -5.35 -11.06 3.30
CA ALA B 374 -6.61 -10.31 3.30
C ALA B 374 -6.40 -8.95 3.96
N GLU B 375 -5.66 -8.93 5.06
CA GLU B 375 -5.34 -7.69 5.74
C GLU B 375 -4.59 -6.75 4.80
N ALA B 376 -3.67 -7.28 4.02
CA ALA B 376 -2.94 -6.42 3.11
C ALA B 376 -3.87 -5.79 2.10
N VAL B 377 -4.87 -6.56 1.64
CA VAL B 377 -5.85 -6.05 0.71
C VAL B 377 -6.67 -4.90 1.31
N VAL B 378 -7.17 -5.11 2.53
CA VAL B 378 -7.89 -4.07 3.27
C VAL B 378 -7.06 -2.79 3.46
N LEU B 379 -5.76 -2.95 3.73
CA LEU B 379 -4.88 -1.80 3.89
C LEU B 379 -4.79 -0.98 2.64
N HIS B 380 -4.63 -1.67 1.51
N HIS B 380 -4.58 -1.65 1.50
CA HIS B 380 -4.40 -0.99 0.24
CA HIS B 380 -4.41 -0.90 0.25
C HIS B 380 -5.67 -0.41 -0.37
C HIS B 380 -5.70 -0.22 -0.15
N TYR B 381 -6.84 -0.90 0.07
CA TYR B 381 -8.10 -0.45 -0.51
C TYR B 381 -8.96 0.38 0.43
N THR B 382 -8.54 0.53 1.67
CA THR B 382 -9.22 1.45 2.58
C THR B 382 -8.70 2.87 2.43
N ASP B 383 -9.60 3.85 2.35
CA ASP B 383 -9.18 5.25 2.47
C ASP B 383 -9.22 5.61 3.95
N TRP B 384 -8.05 5.80 4.56
CA TRP B 384 -8.01 5.94 6.02
C TRP B 384 -8.51 7.28 6.55
N LEU B 385 -8.86 8.20 5.65
CA LEU B 385 -9.57 9.43 6.01
C LEU B 385 -11.09 9.27 5.97
N HIS B 386 -11.56 8.23 5.27
CA HIS B 386 -12.98 7.91 5.17
C HIS B 386 -13.15 6.41 5.19
N PRO B 387 -12.78 5.75 6.30
CA PRO B 387 -12.76 4.29 6.31
C PRO B 387 -14.14 3.65 6.28
N GLU B 388 -15.19 4.42 6.56
CA GLU B 388 -16.52 3.82 6.66
C GLU B 388 -17.53 4.37 5.66
N ASP B 389 -17.06 5.13 4.69
CA ASP B 389 -17.98 5.77 3.76
C ASP B 389 -18.59 4.76 2.77
N PRO B 390 -19.90 4.55 2.86
CA PRO B 390 -20.53 3.49 2.07
C PRO B 390 -20.28 3.57 0.56
N ALA B 391 -20.42 4.73 -0.05
CA ALA B 391 -20.14 4.85 -1.47
C ALA B 391 -18.69 4.49 -1.81
N ARG B 392 -17.75 5.01 -1.04
CA ARG B 392 -16.34 4.69 -1.25
C ARG B 392 -16.03 3.22 -1.06
N LEU B 393 -16.65 2.61 -0.04
CA LEU B 393 -16.48 1.18 0.21
C LEU B 393 -17.01 0.31 -0.95
N ARG B 394 -18.17 0.67 -1.48
CA ARG B 394 -18.73 -0.01 -2.65
C ARG B 394 -17.76 0.05 -3.83
N GLU B 395 -17.26 1.23 -4.11
CA GLU B 395 -16.30 1.43 -5.19
C GLU B 395 -15.02 0.63 -4.97
N ALA B 396 -14.56 0.58 -3.72
CA ALA B 396 -13.27 -0.03 -3.43
C ALA B 396 -13.38 -1.53 -3.52
N LEU B 397 -14.50 -2.08 -3.09
CA LEU B 397 -14.74 -3.50 -3.32
C LEU B 397 -14.81 -3.84 -4.80
N SER B 398 -15.42 -2.97 -5.60
CA SER B 398 -15.46 -3.18 -7.04
C SER B 398 -14.02 -3.26 -7.59
N ASP B 399 -13.19 -2.31 -7.17
CA ASP B 399 -11.78 -2.29 -7.53
C ASP B 399 -11.00 -3.48 -7.04
N VAL B 400 -11.24 -3.95 -5.81
CA VAL B 400 -10.54 -5.16 -5.35
C VAL B 400 -10.77 -6.27 -6.35
N VAL B 401 -12.03 -6.53 -6.63
CA VAL B 401 -12.41 -7.67 -7.48
C VAL B 401 -11.94 -7.47 -8.92
N GLY B 402 -12.15 -6.28 -9.46
CA GLY B 402 -11.72 -5.98 -10.82
C GLY B 402 -10.22 -6.07 -10.98
N ASP B 403 -9.47 -5.48 -10.05
CA ASP B 403 -8.00 -5.45 -10.14
C ASP B 403 -7.39 -6.83 -10.01
N HIS B 404 -7.85 -7.56 -9.00
CA HIS B 404 -7.35 -8.90 -8.68
C HIS B 404 -7.66 -9.90 -9.81
N ASN B 405 -8.87 -9.85 -10.35
CA ASN B 405 -9.28 -10.82 -11.38
C ASN B 405 -8.97 -10.43 -12.82
N VAL B 406 -9.04 -9.14 -13.16
CA VAL B 406 -8.90 -8.71 -14.55
C VAL B 406 -7.76 -7.70 -14.82
N VAL B 407 -7.82 -6.53 -14.22
CA VAL B 407 -6.92 -5.44 -14.62
C VAL B 407 -5.47 -5.82 -14.37
N CYS B 408 -5.17 -6.34 -13.18
CA CYS B 408 -3.77 -6.62 -12.89
C CYS B 408 -3.18 -7.82 -13.67
N PRO B 409 -3.91 -8.95 -13.77
CA PRO B 409 -3.44 -10.01 -14.70
C PRO B 409 -3.21 -9.54 -16.16
N VAL B 410 -4.11 -8.72 -16.70
CA VAL B 410 -3.95 -8.16 -18.07
C VAL B 410 -2.73 -7.22 -18.16
N ALA B 411 -2.55 -6.36 -17.15
CA ALA B 411 -1.37 -5.48 -17.09
C ALA B 411 -0.06 -6.28 -17.02
N GLN B 412 -0.04 -7.30 -16.18
CA GLN B 412 1.14 -8.12 -16.10
C GLN B 412 1.45 -8.81 -17.44
N LEU B 413 0.40 -9.33 -18.08
CA LEU B 413 0.54 -9.94 -19.40
C LEU B 413 1.08 -8.93 -20.41
N ALA B 414 0.43 -7.79 -20.51
CA ALA B 414 0.85 -6.73 -21.42
C ALA B 414 2.33 -6.33 -21.20
N GLY B 415 2.71 -6.08 -19.95
CA GLY B 415 4.07 -5.68 -19.62
C GLY B 415 5.09 -6.73 -20.02
N ARG B 416 4.80 -7.99 -19.70
CA ARG B 416 5.71 -9.06 -20.04
C ARG B 416 5.81 -9.30 -21.55
N LEU B 417 4.68 -9.26 -22.25
CA LEU B 417 4.73 -9.44 -23.70
C LEU B 417 5.52 -8.30 -24.37
N ALA B 418 5.29 -7.07 -23.93
CA ALA B 418 6.01 -5.92 -24.47
C ALA B 418 7.52 -6.05 -24.23
N ALA B 419 7.90 -6.25 -22.98
CA ALA B 419 9.31 -6.40 -22.60
C ALA B 419 9.99 -7.51 -23.38
N GLN B 420 9.23 -8.50 -23.82
CA GLN B 420 9.84 -9.68 -24.38
C GLN B 420 9.56 -9.87 -25.86
N GLY B 421 9.31 -8.76 -26.56
CA GLY B 421 9.34 -8.79 -28.01
C GLY B 421 8.06 -8.57 -28.80
N ALA B 422 6.92 -8.43 -28.13
CA ALA B 422 5.65 -8.33 -28.85
C ALA B 422 5.28 -6.90 -29.04
N ARG B 423 4.64 -6.55 -30.16
CA ARG B 423 4.01 -5.24 -30.20
C ARG B 423 2.66 -5.35 -29.48
N VAL B 424 2.44 -4.48 -28.49
CA VAL B 424 1.26 -4.54 -27.64
C VAL B 424 0.50 -3.24 -27.70
N TYR B 425 -0.82 -3.31 -27.84
CA TYR B 425 -1.70 -2.15 -27.73
C TYR B 425 -2.70 -2.36 -26.60
N ALA B 426 -2.96 -1.32 -25.82
CA ALA B 426 -3.80 -1.46 -24.64
C ALA B 426 -4.88 -0.41 -24.60
N TYR B 427 -6.05 -0.75 -24.05
CA TYR B 427 -7.16 0.20 -24.05
C TYR B 427 -7.93 0.08 -22.75
N VAL B 428 -8.72 1.11 -22.45
CA VAL B 428 -9.72 1.01 -21.41
C VAL B 428 -11.00 1.51 -22.04
N PHE B 429 -12.07 0.73 -21.89
CA PHE B 429 -13.30 1.01 -22.60
C PHE B 429 -14.19 1.72 -21.61
N GLU B 430 -14.61 2.94 -21.93
CA GLU B 430 -15.21 3.81 -20.93
C GLU B 430 -16.63 4.26 -21.24
N HIS B 431 -17.14 3.82 -22.39
CA HIS B 431 -18.50 4.20 -22.73
C HIS B 431 -19.52 3.24 -22.09
N ARG B 432 -20.48 3.82 -21.39
CA ARG B 432 -21.61 3.06 -20.88
C ARG B 432 -22.76 3.16 -21.89
N ALA B 433 -23.14 2.03 -22.47
CA ALA B 433 -24.19 2.00 -23.49
C ALA B 433 -25.47 2.68 -23.01
N SER B 434 -26.03 3.56 -23.86
CA SER B 434 -27.33 4.19 -23.60
C SER B 434 -28.40 3.15 -23.25
N THR B 435 -28.29 1.95 -23.80
CA THR B 435 -29.33 0.93 -23.58
C THR B 435 -29.09 0.01 -22.39
N LEU B 436 -27.99 0.22 -21.68
CA LEU B 436 -27.61 -0.66 -20.58
C LEU B 436 -28.69 -0.73 -19.50
N SER B 437 -29.10 -1.94 -19.12
CA SER B 437 -30.19 -2.12 -18.16
C SER B 437 -29.73 -2.35 -16.71
N TRP B 438 -28.44 -2.57 -16.50
CA TRP B 438 -27.90 -2.69 -15.14
C TRP B 438 -27.87 -1.31 -14.49
N PRO B 439 -27.95 -1.25 -13.16
CA PRO B 439 -27.98 0.05 -12.47
C PRO B 439 -26.77 0.94 -12.72
N LEU B 440 -26.96 2.23 -12.47
CA LEU B 440 -25.97 3.24 -12.78
C LEU B 440 -24.69 3.04 -12.00
N TRP B 441 -24.81 2.59 -10.75
CA TRP B 441 -23.63 2.38 -9.92
C TRP B 441 -22.62 1.38 -10.48
N MET B 442 -23.06 0.40 -11.29
CA MET B 442 -22.12 -0.55 -11.88
C MET B 442 -21.22 0.06 -12.95
N GLY B 443 -21.50 1.31 -13.36
CA GLY B 443 -20.68 1.98 -14.36
C GLY B 443 -20.66 1.23 -15.68
N VAL B 444 -19.46 0.91 -16.16
CA VAL B 444 -19.30 0.12 -17.38
C VAL B 444 -18.89 -1.31 -17.02
N PRO B 445 -19.86 -2.23 -16.89
CA PRO B 445 -19.52 -3.55 -16.34
C PRO B 445 -18.85 -4.47 -17.37
N HIS B 446 -18.24 -5.50 -16.82
CA HIS B 446 -17.62 -6.57 -17.57
C HIS B 446 -18.57 -7.06 -18.66
N GLY B 447 -18.06 -7.16 -19.89
CA GLY B 447 -18.83 -7.70 -20.99
C GLY B 447 -19.52 -6.66 -21.86
N TYR B 448 -19.53 -5.40 -21.44
CA TYR B 448 -20.34 -4.40 -22.14
C TYR B 448 -19.66 -3.58 -23.23
N GLU B 449 -18.41 -3.93 -23.54
CA GLU B 449 -17.78 -3.42 -24.74
C GLU B 449 -18.11 -4.30 -25.94
N ILE B 450 -18.50 -5.56 -25.71
CA ILE B 450 -18.57 -6.53 -26.81
C ILE B 450 -19.53 -6.07 -27.91
N GLU B 451 -20.72 -5.63 -27.48
CA GLU B 451 -21.75 -5.18 -28.41
C GLU B 451 -21.27 -4.07 -29.33
N PHE B 452 -20.40 -3.18 -28.83
CA PHE B 452 -19.77 -2.15 -29.67
C PHE B 452 -18.75 -2.70 -30.65
N ILE B 453 -17.86 -3.59 -30.18
CA ILE B 453 -16.86 -4.22 -31.06
C ILE B 453 -17.54 -4.98 -32.23
N PHE B 454 -18.69 -5.60 -31.95
CA PHE B 454 -19.38 -6.40 -32.97
C PHE B 454 -20.32 -5.56 -33.83
N GLY B 455 -20.42 -4.27 -33.54
CA GLY B 455 -21.26 -3.37 -34.34
C GLY B 455 -22.74 -3.48 -34.10
N ILE B 456 -23.15 -4.14 -33.02
CA ILE B 456 -24.57 -4.29 -32.70
C ILE B 456 -25.41 -2.98 -32.76
N PRO B 457 -24.82 -1.81 -32.42
CA PRO B 457 -25.64 -0.59 -32.57
C PRO B 457 -26.14 -0.27 -34.00
N LEU B 458 -25.50 -0.83 -35.03
CA LEU B 458 -25.99 -0.69 -36.41
C LEU B 458 -27.30 -1.44 -36.68
N ASP B 459 -27.73 -2.26 -35.72
CA ASP B 459 -28.91 -3.10 -35.88
C ASP B 459 -30.13 -2.21 -35.66
N PRO B 460 -30.94 -2.02 -36.72
CA PRO B 460 -32.02 -1.02 -36.76
C PRO B 460 -33.05 -1.26 -35.67
N SER B 461 -33.37 -2.53 -35.42
CA SER B 461 -34.37 -2.91 -34.42
C SER B 461 -33.96 -2.51 -33.00
N ARG B 462 -32.68 -2.20 -32.84
CA ARG B 462 -32.18 -1.78 -31.54
C ARG B 462 -32.09 -0.26 -31.46
N ASN B 463 -32.05 0.27 -30.25
CA ASN B 463 -32.29 1.69 -30.08
C ASN B 463 -31.08 2.49 -29.59
N TYR B 464 -29.91 2.23 -30.15
CA TYR B 464 -28.72 2.99 -29.80
C TYR B 464 -28.79 4.39 -30.41
N THR B 465 -28.04 5.35 -29.85
CA THR B 465 -27.98 6.69 -30.42
C THR B 465 -27.11 6.68 -31.67
N ALA B 466 -27.18 7.77 -32.43
CA ALA B 466 -26.34 7.94 -33.60
C ALA B 466 -24.84 8.02 -33.25
N GLU B 467 -24.50 8.63 -32.13
CA GLU B 467 -23.09 8.72 -31.73
C GLU B 467 -22.55 7.32 -31.45
N GLU B 468 -23.38 6.49 -30.80
CA GLU B 468 -22.97 5.12 -30.55
C GLU B 468 -22.75 4.35 -31.85
N LYS B 469 -23.49 4.69 -32.90
CA LYS B 469 -23.29 4.01 -34.17
C LYS B 469 -21.96 4.40 -34.74
N ILE B 470 -21.61 5.68 -34.55
CA ILE B 470 -20.31 6.19 -35.01
C ILE B 470 -19.18 5.51 -34.24
N PHE B 471 -19.36 5.46 -32.92
CA PHE B 471 -18.41 4.81 -32.01
C PHE B 471 -18.15 3.36 -32.41
N ALA B 472 -19.23 2.59 -32.57
CA ALA B 472 -19.10 1.20 -33.00
C ALA B 472 -18.32 1.09 -34.31
N GLN B 473 -18.60 2.00 -35.25
CA GLN B 473 -17.84 2.00 -36.50
C GLN B 473 -16.35 2.22 -36.29
N ARG B 474 -15.99 3.14 -35.40
CA ARG B 474 -14.60 3.41 -35.02
C ARG B 474 -13.93 2.18 -34.41
N LEU B 475 -14.60 1.60 -33.42
CA LEU B 475 -14.07 0.36 -32.81
C LEU B 475 -13.86 -0.78 -33.80
N MET B 476 -14.85 -1.03 -34.66
CA MET B 476 -14.72 -2.14 -35.62
C MET B 476 -13.50 -1.90 -36.51
N ARG B 477 -13.33 -0.62 -36.85
CA ARG B 477 -12.19 -0.18 -37.67
C ARG B 477 -10.83 -0.52 -37.00
N TYR B 478 -10.66 -0.17 -35.72
CA TYR B 478 -9.42 -0.45 -35.00
C TYR B 478 -9.15 -1.94 -34.94
N TRP B 479 -10.18 -2.68 -34.52
CA TRP B 479 -10.08 -4.16 -34.47
C TRP B 479 -9.69 -4.76 -35.83
N ALA B 480 -10.38 -4.35 -36.88
CA ALA B 480 -10.04 -4.84 -38.23
C ALA B 480 -8.66 -4.38 -38.69
N ASN B 481 -8.33 -3.11 -38.46
CA ASN B 481 -6.99 -2.61 -38.79
C ASN B 481 -5.95 -3.48 -38.09
N PHE B 482 -6.18 -3.71 -36.80
CA PHE B 482 -5.31 -4.58 -36.05
C PHE B 482 -5.24 -5.98 -36.68
N ALA B 483 -6.41 -6.54 -37.03
CA ALA B 483 -6.41 -7.87 -37.64
C ALA B 483 -5.65 -7.88 -38.97
N ARG B 484 -5.87 -6.86 -39.79
CA ARG B 484 -5.14 -6.77 -41.07
C ARG B 484 -3.63 -6.50 -40.89
N THR B 485 -3.27 -5.49 -40.09
CA THR B 485 -1.90 -4.99 -40.15
C THR B 485 -1.08 -5.19 -38.87
N GLY B 486 -1.75 -5.53 -37.77
CA GLY B 486 -1.06 -5.73 -36.51
C GLY B 486 -0.98 -4.42 -35.77
N ASP B 487 -1.80 -3.48 -36.22
CA ASP B 487 -1.71 -2.11 -35.76
C ASP B 487 -3.09 -1.50 -35.96
N PRO B 488 -3.72 -1.06 -34.87
CA PRO B 488 -5.08 -0.52 -34.96
C PRO B 488 -5.15 0.83 -35.64
N ASN B 489 -4.01 1.51 -35.82
CA ASN B 489 -4.02 2.87 -36.39
C ASN B 489 -4.31 2.94 -37.88
N GLU B 490 -5.04 3.99 -38.27
CA GLU B 490 -5.43 4.24 -39.67
C GLU B 490 -4.26 4.48 -40.65
N PRO B 491 -4.03 3.50 -41.56
CA PRO B 491 -2.88 3.44 -42.46
C PRO B 491 -2.69 4.72 -43.30
N PRO B 494 -3.68 9.49 -40.60
CA PRO B 494 -4.00 10.87 -40.99
C PRO B 494 -3.79 11.93 -39.88
N LYS B 495 -4.79 12.81 -39.70
CA LYS B 495 -4.79 13.81 -38.63
C LYS B 495 -5.41 13.24 -37.36
N ALA B 496 -5.88 11.99 -37.48
CA ALA B 496 -6.47 11.23 -36.37
C ALA B 496 -5.45 10.98 -35.26
N PRO B 497 -5.88 11.12 -33.99
CA PRO B 497 -5.00 10.86 -32.85
C PRO B 497 -4.48 9.41 -32.88
N GLN B 498 -3.20 9.24 -32.53
CA GLN B 498 -2.57 7.95 -32.69
C GLN B 498 -2.64 7.12 -31.41
N TRP B 499 -2.81 5.82 -31.58
CA TRP B 499 -2.82 4.90 -30.48
C TRP B 499 -1.40 4.34 -30.39
N PRO B 500 -0.67 4.74 -29.33
CA PRO B 500 0.72 4.33 -29.17
C PRO B 500 0.80 2.95 -28.58
N PRO B 501 1.87 2.20 -28.91
CA PRO B 501 2.16 0.94 -28.24
C PRO B 501 2.22 1.03 -26.70
N TYR B 502 1.86 -0.07 -26.06
CA TYR B 502 2.03 -0.23 -24.63
C TYR B 502 3.41 -0.84 -24.37
N THR B 503 4.14 -0.26 -23.43
CA THR B 503 5.47 -0.78 -23.06
C THR B 503 5.59 -0.83 -21.54
N ALA B 504 6.48 -1.69 -21.05
CA ALA B 504 6.61 -1.87 -19.60
C ALA B 504 7.00 -0.56 -18.88
N GLY B 505 7.74 0.32 -19.54
CA GLY B 505 8.15 1.59 -18.92
C GLY B 505 7.16 2.73 -19.06
N ALA B 506 6.85 3.14 -20.29
CA ALA B 506 5.84 4.18 -20.46
C ALA B 506 4.38 3.72 -20.14
N GLN B 507 4.04 2.45 -20.41
CA GLN B 507 2.71 1.92 -20.03
C GLN B 507 1.55 2.77 -20.59
N GLN B 508 1.69 3.21 -21.83
CA GLN B 508 0.65 4.01 -22.46
C GLN B 508 -0.54 3.13 -22.96
N TYR B 509 -1.76 3.62 -22.77
CA TYR B 509 -2.97 2.97 -23.30
C TYR B 509 -3.96 4.09 -23.69
N VAL B 510 -5.01 3.75 -24.43
CA VAL B 510 -6.03 4.74 -24.77
C VAL B 510 -7.39 4.51 -24.09
N SER B 511 -8.14 5.59 -23.89
CA SER B 511 -9.52 5.51 -23.46
C SER B 511 -10.40 5.35 -24.71
N LEU B 512 -11.30 4.38 -24.69
CA LEU B 512 -12.23 4.19 -25.79
C LEU B 512 -13.59 4.69 -25.35
N ASP B 513 -14.02 5.81 -25.94
CA ASP B 513 -15.42 6.24 -25.82
C ASP B 513 -15.81 7.24 -26.90
N LEU B 514 -16.88 7.97 -26.65
CA LEU B 514 -17.44 8.94 -27.59
C LEU B 514 -16.46 10.06 -27.99
N ARG B 515 -15.69 10.61 -27.04
CA ARG B 515 -14.61 11.57 -27.34
C ARG B 515 -13.52 10.85 -28.13
N PRO B 516 -12.58 11.59 -28.76
CA PRO B 516 -11.47 10.94 -29.49
C PRO B 516 -10.47 10.25 -28.55
N LEU B 517 -9.53 9.48 -29.10
CA LEU B 517 -8.53 8.78 -28.30
C LEU B 517 -7.79 9.73 -27.39
N GLU B 518 -7.82 9.45 -26.10
CA GLU B 518 -6.97 10.16 -25.14
C GLU B 518 -5.93 9.17 -24.65
N VAL B 519 -4.66 9.59 -24.62
CA VAL B 519 -3.58 8.70 -24.22
C VAL B 519 -3.34 8.86 -22.73
N ARG B 520 -3.12 7.75 -22.03
CA ARG B 520 -2.89 7.79 -20.58
C ARG B 520 -1.81 6.79 -20.21
N ARG B 521 -1.32 6.88 -18.97
CA ARG B 521 -0.21 6.04 -18.51
C ARG B 521 -0.63 5.21 -17.31
N GLY B 522 -0.21 3.95 -17.28
CA GLY B 522 -0.43 3.10 -16.12
C GLY B 522 -1.81 2.43 -16.07
N LEU B 523 -1.80 1.11 -16.19
CA LEU B 523 -3.00 0.30 -15.97
C LEU B 523 -3.11 -0.01 -14.48
N ARG B 524 -3.71 0.95 -13.75
CA ARG B 524 -3.77 0.93 -12.30
C ARG B 524 -2.42 0.50 -11.69
N ALA B 525 -1.38 1.24 -12.04
CA ALA B 525 -0.01 0.83 -11.76
C ALA B 525 0.26 0.67 -10.26
N GLN B 526 -0.24 1.58 -9.42
CA GLN B 526 -0.04 1.46 -7.97
C GLN B 526 -0.74 0.23 -7.46
N ALA B 527 -2.03 0.09 -7.80
CA ALA B 527 -2.81 -1.09 -7.43
C ALA B 527 -2.14 -2.36 -7.92
N CYS B 528 -1.76 -2.37 -9.18
CA CYS B 528 -1.23 -3.59 -9.77
C CYS B 528 0.15 -4.02 -9.24
N ALA B 529 0.92 -3.08 -8.69
CA ALA B 529 2.20 -3.40 -8.09
C ALA B 529 1.94 -4.24 -6.84
N PHE B 530 0.89 -3.87 -6.11
CA PHE B 530 0.46 -4.70 -4.99
C PHE B 530 0.13 -6.15 -5.43
N TRP B 531 -0.72 -6.31 -6.45
CA TRP B 531 -1.17 -7.65 -6.87
C TRP B 531 -0.07 -8.45 -7.56
N ASN B 532 0.68 -7.79 -8.43
CA ASN B 532 1.68 -8.47 -9.24
C ASN B 532 3.08 -8.60 -8.62
N ARG B 533 3.45 -7.68 -7.74
CA ARG B 533 4.78 -7.73 -7.16
C ARG B 533 4.81 -8.13 -5.68
N PHE B 534 4.01 -7.46 -4.86
CA PHE B 534 4.10 -7.75 -3.45
C PHE B 534 3.34 -9.00 -3.01
N LEU B 535 2.05 -9.03 -3.29
CA LEU B 535 1.20 -10.11 -2.81
C LEU B 535 1.76 -11.53 -3.04
N PRO B 536 2.29 -11.80 -4.25
CA PRO B 536 2.85 -13.15 -4.43
C PRO B 536 3.99 -13.48 -3.45
N LYS B 537 4.79 -12.47 -3.06
CA LYS B 537 5.90 -12.67 -2.12
C LYS B 537 5.37 -12.99 -0.75
N LEU B 538 4.29 -12.31 -0.41
CA LEU B 538 3.65 -12.54 0.87
C LEU B 538 3.06 -13.95 0.93
N LEU B 539 2.34 -14.37 -0.11
CA LEU B 539 1.78 -15.74 -0.15
C LEU B 539 2.84 -16.87 0.01
N SER B 540 4.03 -16.71 -0.59
CA SER B 540 5.18 -17.62 -0.39
C SER B 540 5.62 -17.71 1.09
N ALA B 541 5.78 -16.57 1.74
CA ALA B 541 6.20 -16.50 3.14
C ALA B 541 5.01 -16.55 4.11
#